data_9VP7
#
_entry.id   9VP7
#
_cell.length_a   191.840
_cell.length_b   97.685
_cell.length_c   70.449
_cell.angle_alpha   90.000
_cell.angle_beta   94.005
_cell.angle_gamma   90.000
#
_symmetry.space_group_name_H-M   'C 1 2 1'
#
loop_
_entity.id
_entity.type
_entity.pdbx_description
1 polymer 'Glucose-6-phosphate 1-dehydrogenase'
2 non-polymer DI(HYDROXYETHYL)ETHER
3 non-polymer 1,2-ETHANEDIOL
4 non-polymer 2-amino-2-deoxy-6-O-phosphono-alpha-D-glucopyranose
5 non-polymer GLYCEROL
6 water water
#
_entity_poly.entity_id   1
_entity_poly.type   'polypeptide(L)'
_entity_poly.pdbx_seq_one_letter_code
;MGSSHHHHHHSSGLVPRGSHMASMTGGQQMGRGSMSEEQSHADQDAYVADVDGILDVLRAQVLERKPDDIFQFISKSALS
LQKDRGAESCDRINCKVKDEQKSRALTIIVFGASGDLAKKKTFPALFDLYCGGLLPPEVNIIGYARTKVDDVEKWKHETL
MKYFSNLSERGCHAEDFLKHISYFCGAYDSVDDFKRLDAVIREKENAFKGPEKGGNRLFYLALPPSVFASVCESIHKGAM
PQEVGGWVRVIIEKPFGRDTKSSAELSQALEPFFDESQLYRIDHYLGKEMVQNIITTRFANRIFSAVWNASNIACVQITF
KETIGTEGRGGYFDSIGIIRDVMQNHLTQILALLAMEKPRSLDAECIRDEKVSVLKCIEPITKENCVLGQYTASADGSIP
GYLEDVTVPEGSTCPTFAVMRLNINNDRWAGVPFILKAGKAVEQKYVAIRIQFRDEVHPYGEATQRNELVIRAQPSEAMY
VKITTKVPGLSGDLRQTHQTELDLTYHTRYDVRLPDAYESLINDALLGNSTNFVRKDELDVAWRIFTPLLHQIDSGEIKP
IPYQAGTRGPKEADEFIANNGFKHQKGYHWLPSNKL
;
_entity_poly.pdbx_strand_id   A,B
#
# COMPACT_ATOMS: atom_id res chain seq x y z
N HIS A 41 25.74 5.88 -16.08
CA HIS A 41 26.68 4.74 -16.22
C HIS A 41 26.21 3.79 -17.31
N ALA A 42 27.15 3.40 -18.18
CA ALA A 42 26.93 2.41 -19.22
C ALA A 42 26.52 1.06 -18.59
N ASP A 43 27.04 0.79 -17.38
CA ASP A 43 26.81 -0.43 -16.63
C ASP A 43 25.40 -0.49 -16.04
N GLN A 44 24.79 0.67 -15.70
CA GLN A 44 23.39 0.69 -15.27
C GLN A 44 22.53 0.16 -16.41
N ASP A 45 22.79 0.66 -17.63
CA ASP A 45 21.97 0.35 -18.80
C ASP A 45 22.28 -1.06 -19.30
N ALA A 46 23.54 -1.50 -19.13
CA ALA A 46 24.00 -2.82 -19.56
C ALA A 46 23.36 -3.96 -18.77
N TYR A 47 23.29 -3.76 -17.45
CA TYR A 47 22.70 -4.69 -16.51
C TYR A 47 21.22 -4.93 -16.80
N VAL A 48 20.49 -3.83 -17.05
CA VAL A 48 19.09 -3.92 -17.43
C VAL A 48 18.98 -4.72 -18.74
N ALA A 49 19.87 -4.40 -19.69
CA ALA A 49 19.85 -5.08 -20.99
C ALA A 49 20.24 -6.56 -20.87
N ASP A 50 21.12 -6.90 -19.92
CA ASP A 50 21.47 -8.29 -19.66
C ASP A 50 20.31 -9.03 -19.01
N VAL A 51 19.60 -8.40 -18.08
CA VAL A 51 18.45 -9.04 -17.47
C VAL A 51 17.39 -9.27 -18.55
N ASP A 52 17.14 -8.26 -19.39
CA ASP A 52 16.11 -8.38 -20.42
C ASP A 52 16.50 -9.47 -21.43
N GLY A 53 17.79 -9.58 -21.73
CA GLY A 53 18.28 -10.59 -22.66
C GLY A 53 18.28 -12.00 -22.09
N ILE A 54 18.25 -12.14 -20.76
CA ILE A 54 18.08 -13.42 -20.11
C ILE A 54 16.60 -13.82 -20.12
N LEU A 55 15.73 -12.89 -19.70
CA LEU A 55 14.30 -13.08 -19.79
C LEU A 55 13.88 -13.35 -21.23
N ASP A 56 14.64 -12.84 -22.21
CA ASP A 56 14.34 -13.09 -23.62
C ASP A 56 14.70 -14.51 -24.02
N VAL A 57 15.73 -15.09 -23.40
CA VAL A 57 16.22 -16.42 -23.74
C VAL A 57 15.37 -17.45 -22.99
N LEU A 58 14.83 -17.06 -21.84
CA LEU A 58 13.82 -17.85 -21.15
C LEU A 58 12.45 -17.69 -21.80
N ARG A 59 12.38 -16.98 -22.94
CA ARG A 59 11.09 -16.75 -23.58
C ARG A 59 10.92 -17.74 -24.72
N ALA A 60 11.98 -17.90 -25.51
CA ALA A 60 12.00 -18.73 -26.71
C ALA A 60 12.34 -20.19 -26.36
N GLN A 61 12.63 -20.44 -25.06
CA GLN A 61 12.75 -21.79 -24.57
C GLN A 61 11.42 -22.25 -23.97
N VAL A 62 10.74 -21.32 -23.30
CA VAL A 62 9.43 -21.59 -22.70
C VAL A 62 8.35 -21.56 -23.78
N LEU A 63 8.76 -21.32 -25.03
CA LEU A 63 7.86 -21.42 -26.18
C LEU A 63 7.71 -22.89 -26.58
N GLU A 64 7.98 -23.81 -25.64
CA GLU A 64 7.91 -25.24 -25.87
C GLU A 64 7.20 -25.92 -24.70
N ARG A 65 6.40 -25.13 -23.95
CA ARG A 65 5.74 -25.52 -22.71
C ARG A 65 6.49 -26.66 -21.99
N PHE A 71 6.87 -21.74 -14.39
CA PHE A 71 7.38 -21.37 -13.05
C PHE A 71 8.50 -22.32 -12.62
N GLN A 72 8.19 -23.63 -12.64
CA GLN A 72 9.14 -24.64 -12.26
C GLN A 72 10.13 -24.86 -13.41
N PHE A 73 9.73 -24.52 -14.64
CA PHE A 73 10.57 -24.67 -15.82
C PHE A 73 11.50 -23.46 -15.99
N ILE A 74 11.14 -22.33 -15.39
CA ILE A 74 11.95 -21.11 -15.42
C ILE A 74 13.15 -21.27 -14.48
N SER A 75 12.91 -21.81 -13.27
CA SER A 75 13.97 -22.09 -12.30
C SER A 75 15.03 -23.03 -12.86
N LYS A 76 14.59 -24.04 -13.64
CA LYS A 76 15.48 -25.06 -14.18
C LYS A 76 16.32 -24.50 -15.32
N SER A 77 15.67 -23.72 -16.19
CA SER A 77 16.30 -23.13 -17.37
C SER A 77 17.31 -22.04 -16.97
N ALA A 78 17.08 -21.40 -15.82
CA ALA A 78 17.92 -20.32 -15.33
C ALA A 78 19.33 -20.84 -15.00
N LEU A 79 19.39 -21.83 -14.11
CA LEU A 79 20.66 -22.46 -13.73
C LEU A 79 21.36 -23.07 -14.96
N SER A 80 20.58 -23.48 -15.97
CA SER A 80 21.11 -24.09 -17.19
C SER A 80 21.84 -23.06 -18.06
N LEU A 81 21.28 -21.85 -18.16
CA LEU A 81 21.86 -20.78 -18.97
C LEU A 81 23.15 -20.28 -18.31
N GLN A 82 23.19 -20.35 -16.97
CA GLN A 82 24.38 -20.10 -16.17
C GLN A 82 25.59 -20.80 -16.79
N LYS A 83 25.45 -22.12 -17.01
CA LYS A 83 26.47 -22.93 -17.67
C LYS A 83 26.37 -22.71 -19.18
N ASP A 84 27.33 -21.94 -19.73
CA ASP A 84 27.29 -21.54 -21.14
C ASP A 84 28.72 -21.24 -21.60
N SER A 89 -12.15 20.48 -49.00
CA SER A 89 -13.15 19.56 -49.60
C SER A 89 -13.80 18.71 -48.50
N CYS A 90 -15.14 18.79 -48.42
CA CYS A 90 -15.92 18.15 -47.38
C CYS A 90 -16.30 16.72 -47.79
N ASP A 91 -15.30 15.83 -47.74
CA ASP A 91 -15.32 14.53 -48.40
C ASP A 91 -15.91 13.45 -47.50
N ARG A 92 -16.09 12.26 -48.09
CA ARG A 92 -16.55 11.08 -47.38
C ARG A 92 -15.56 10.77 -46.26
N ILE A 93 -16.10 10.38 -45.09
CA ILE A 93 -15.32 9.86 -43.98
C ILE A 93 -14.74 8.49 -44.38
N ASN A 94 -13.41 8.35 -44.41
CA ASN A 94 -12.77 7.07 -44.67
C ASN A 94 -12.51 6.35 -43.33
N CYS A 95 -13.20 5.22 -43.13
CA CYS A 95 -13.20 4.54 -41.84
C CYS A 95 -11.84 3.87 -41.59
N LYS A 96 -11.16 4.30 -40.51
CA LYS A 96 -9.82 3.82 -40.19
C LYS A 96 -9.86 2.89 -38.98
N VAL A 97 -11.06 2.43 -38.61
CA VAL A 97 -11.31 1.65 -37.41
C VAL A 97 -10.81 0.23 -37.59
N LYS A 98 -10.45 -0.43 -36.48
CA LYS A 98 -9.93 -1.79 -36.50
C LYS A 98 -11.08 -2.80 -36.60
N ASP A 99 -10.72 -4.08 -36.84
CA ASP A 99 -11.68 -5.14 -37.11
C ASP A 99 -12.53 -5.40 -35.87
N GLU A 100 -11.86 -5.63 -34.72
CA GLU A 100 -12.55 -5.89 -33.47
C GLU A 100 -13.49 -4.73 -33.13
N GLN A 101 -13.07 -3.49 -33.41
CA GLN A 101 -13.89 -2.31 -33.14
C GLN A 101 -15.20 -2.39 -33.92
N LYS A 102 -15.10 -2.89 -35.16
CA LYS A 102 -16.24 -3.07 -36.05
C LYS A 102 -17.13 -4.24 -35.62
N SER A 103 -16.57 -5.21 -34.88
CA SER A 103 -17.17 -6.54 -34.76
C SER A 103 -18.21 -6.64 -33.64
N ARG A 104 -18.12 -5.77 -32.62
CA ARG A 104 -19.10 -5.74 -31.55
C ARG A 104 -19.75 -4.37 -31.53
N ALA A 105 -20.97 -4.28 -30.99
CA ALA A 105 -21.63 -2.99 -30.88
C ALA A 105 -20.89 -2.10 -29.87
N LEU A 106 -21.14 -0.78 -29.96
CA LEU A 106 -20.53 0.20 -29.07
C LEU A 106 -21.51 1.33 -28.76
N THR A 107 -21.71 1.55 -27.46
CA THR A 107 -22.45 2.68 -26.93
C THR A 107 -21.56 3.53 -26.01
N ILE A 108 -21.56 4.84 -26.28
CA ILE A 108 -20.88 5.84 -25.50
C ILE A 108 -21.94 6.69 -24.79
N ILE A 109 -21.92 6.66 -23.46
CA ILE A 109 -22.90 7.39 -22.65
C ILE A 109 -22.19 8.61 -22.08
N VAL A 110 -22.58 9.80 -22.54
CA VAL A 110 -22.02 11.02 -21.99
C VAL A 110 -22.97 11.51 -20.91
N PHE A 111 -22.57 11.31 -19.64
CA PHE A 111 -23.32 11.80 -18.50
C PHE A 111 -23.03 13.28 -18.28
N GLY A 112 -24.05 14.02 -17.82
CA GLY A 112 -23.94 15.46 -17.68
C GLY A 112 -23.90 16.16 -19.03
N ALA A 113 -24.64 15.61 -19.99
CA ALA A 113 -24.58 15.97 -21.40
C ALA A 113 -24.95 17.43 -21.67
N SER A 114 -25.64 18.09 -20.72
CA SER A 114 -26.06 19.49 -20.86
C SER A 114 -25.13 20.46 -20.14
N GLY A 115 -24.10 19.95 -19.45
CA GLY A 115 -23.05 20.78 -18.88
C GLY A 115 -22.16 21.41 -19.95
N ASP A 116 -21.37 22.41 -19.52
CA ASP A 116 -20.46 23.12 -20.40
C ASP A 116 -19.37 22.19 -20.94
N LEU A 117 -18.82 21.30 -20.11
CA LEU A 117 -17.75 20.42 -20.58
C LEU A 117 -18.27 19.47 -21.67
N ALA A 118 -19.45 18.86 -21.41
CA ALA A 118 -20.01 17.88 -22.33
C ALA A 118 -20.37 18.52 -23.66
N LYS A 119 -21.04 19.68 -23.61
CA LYS A 119 -21.58 20.28 -24.83
C LYS A 119 -20.50 21.04 -25.59
N LYS A 120 -19.53 21.64 -24.89
CA LYS A 120 -18.55 22.51 -25.53
C LYS A 120 -17.27 21.74 -25.85
N LYS A 121 -17.10 20.54 -25.27
CA LYS A 121 -15.82 19.87 -25.32
C LYS A 121 -15.99 18.40 -25.69
N THR A 122 -16.79 17.65 -24.94
CA THR A 122 -16.87 16.22 -25.17
C THR A 122 -17.53 15.92 -26.52
N PHE A 123 -18.75 16.42 -26.71
CA PHE A 123 -19.50 16.13 -27.93
C PHE A 123 -18.75 16.65 -29.17
N PRO A 124 -18.26 17.90 -29.20
CA PRO A 124 -17.38 18.33 -30.28
C PRO A 124 -16.17 17.43 -30.53
N ALA A 125 -15.57 16.89 -29.46
CA ALA A 125 -14.44 15.99 -29.62
C ALA A 125 -14.89 14.71 -30.31
N LEU A 126 -16.05 14.19 -29.90
CA LEU A 126 -16.60 12.99 -30.52
C LEU A 126 -16.93 13.25 -31.99
N PHE A 127 -17.41 14.47 -32.30
CA PHE A 127 -17.72 14.89 -33.66
C PHE A 127 -16.46 14.84 -34.54
N ASP A 128 -15.34 15.34 -34.00
CA ASP A 128 -14.08 15.38 -34.74
C ASP A 128 -13.57 13.96 -35.01
N LEU A 129 -13.74 13.05 -34.03
CA LEU A 129 -13.33 11.67 -34.21
C LEU A 129 -14.17 11.00 -35.30
N TYR A 130 -15.47 11.34 -35.35
CA TYR A 130 -16.38 10.84 -36.37
C TYR A 130 -15.89 11.28 -37.74
N CYS A 131 -15.69 12.60 -37.91
CA CYS A 131 -15.17 13.18 -39.14
C CYS A 131 -13.82 12.57 -39.52
N GLY A 132 -13.01 12.19 -38.51
CA GLY A 132 -11.74 11.54 -38.75
C GLY A 132 -11.84 10.04 -39.04
N GLY A 133 -13.06 9.46 -38.90
CA GLY A 133 -13.28 8.06 -39.25
C GLY A 133 -12.75 7.10 -38.20
N LEU A 134 -12.88 7.50 -36.93
CA LEU A 134 -12.29 6.75 -35.83
C LEU A 134 -13.35 6.30 -34.82
N LEU A 135 -14.63 6.58 -35.11
CA LEU A 135 -15.73 5.94 -34.42
C LEU A 135 -16.20 4.74 -35.26
N PRO A 136 -16.59 3.60 -34.65
CA PRO A 136 -17.16 2.48 -35.42
C PRO A 136 -18.40 2.93 -36.18
N PRO A 137 -18.65 2.37 -37.40
CA PRO A 137 -19.79 2.75 -38.23
C PRO A 137 -21.12 2.85 -37.49
N GLU A 138 -21.40 1.89 -36.60
CA GLU A 138 -22.71 1.76 -35.96
C GLU A 138 -22.66 2.31 -34.53
N VAL A 139 -21.84 3.34 -34.31
CA VAL A 139 -21.63 3.85 -32.96
C VAL A 139 -22.93 4.48 -32.45
N ASN A 140 -23.28 4.19 -31.19
CA ASN A 140 -24.41 4.83 -30.55
C ASN A 140 -23.93 5.78 -29.44
N ILE A 141 -24.52 6.96 -29.40
CA ILE A 141 -24.19 7.97 -28.41
C ILE A 141 -25.46 8.34 -27.64
N ILE A 142 -25.33 8.41 -26.32
CA ILE A 142 -26.42 8.81 -25.45
C ILE A 142 -25.92 9.96 -24.59
N GLY A 143 -26.64 11.08 -24.63
CA GLY A 143 -26.48 12.15 -23.67
C GLY A 143 -27.46 12.01 -22.51
N TYR A 144 -26.93 11.58 -21.35
CA TYR A 144 -27.71 11.39 -20.14
C TYR A 144 -27.61 12.67 -19.31
N ALA A 145 -28.75 13.10 -18.76
CA ALA A 145 -28.86 14.33 -18.00
C ALA A 145 -30.21 14.42 -17.29
N ARG A 146 -30.30 15.36 -16.35
CA ARG A 146 -31.42 15.46 -15.43
C ARG A 146 -32.66 16.01 -16.14
N THR A 147 -32.51 17.11 -16.89
CA THR A 147 -33.67 17.87 -17.36
C THR A 147 -34.48 17.06 -18.37
N LYS A 148 -35.81 17.13 -18.23
CA LYS A 148 -36.75 16.51 -19.16
C LYS A 148 -36.77 17.33 -20.44
N VAL A 149 -36.83 16.62 -21.57
CA VAL A 149 -36.76 17.23 -22.89
C VAL A 149 -37.80 16.54 -23.79
N ASP A 150 -38.65 17.36 -24.42
CA ASP A 150 -39.74 16.87 -25.25
C ASP A 150 -39.25 16.75 -26.69
N ASP A 151 -38.69 17.85 -27.20
CA ASP A 151 -38.20 17.94 -28.57
C ASP A 151 -36.75 17.47 -28.61
N VAL A 152 -36.57 16.14 -28.62
CA VAL A 152 -35.27 15.50 -28.58
C VAL A 152 -34.34 16.09 -29.66
N GLU A 153 -34.87 16.32 -30.86
CA GLU A 153 -34.06 16.69 -32.00
C GLU A 153 -33.60 18.15 -31.92
N LYS A 154 -34.40 19.02 -31.29
CA LYS A 154 -34.01 20.42 -31.20
C LYS A 154 -32.88 20.57 -30.17
N TRP A 155 -32.88 19.70 -29.16
CA TRP A 155 -31.86 19.73 -28.13
C TRP A 155 -30.48 19.45 -28.72
N LYS A 156 -30.40 18.43 -29.59
CA LYS A 156 -29.17 18.09 -30.30
C LYS A 156 -28.72 19.28 -31.15
N HIS A 157 -29.68 19.94 -31.82
CA HIS A 157 -29.38 21.02 -32.75
C HIS A 157 -28.95 22.27 -31.98
N GLU A 158 -29.55 22.51 -30.80
CA GLU A 158 -29.39 23.77 -30.10
C GLU A 158 -28.37 23.66 -28.96
N THR A 159 -28.39 22.58 -28.17
CA THR A 159 -27.42 22.42 -27.10
C THR A 159 -26.06 21.91 -27.62
N LEU A 160 -26.05 21.10 -28.70
CA LEU A 160 -24.86 20.37 -29.13
C LEU A 160 -24.25 20.94 -30.41
N MET A 161 -25.04 21.08 -31.50
CA MET A 161 -24.50 21.45 -32.80
C MET A 161 -23.97 22.89 -32.81
N LYS A 162 -24.57 23.79 -32.02
CA LYS A 162 -24.02 25.13 -31.86
C LYS A 162 -22.49 25.06 -31.73
N TYR A 163 -21.98 24.04 -31.02
CA TYR A 163 -20.60 24.00 -30.56
C TYR A 163 -19.71 23.14 -31.46
N PHE A 164 -20.29 22.39 -32.39
CA PHE A 164 -19.50 21.58 -33.33
C PHE A 164 -18.55 22.47 -34.13
N SER A 165 -17.42 21.88 -34.55
CA SER A 165 -16.48 22.54 -35.46
C SER A 165 -17.19 22.85 -36.77
N ASN A 166 -17.53 24.13 -36.96
CA ASN A 166 -18.08 24.63 -38.22
C ASN A 166 -16.91 25.06 -39.10
N LEU A 167 -16.10 24.09 -39.52
CA LEU A 167 -15.01 24.28 -40.46
C LEU A 167 -15.46 23.76 -41.81
N SER A 168 -14.62 23.94 -42.83
CA SER A 168 -14.96 23.58 -44.20
C SER A 168 -15.17 22.07 -44.31
N GLU A 169 -14.11 21.31 -44.00
CA GLU A 169 -14.09 19.88 -44.26
C GLU A 169 -14.97 19.10 -43.28
N ARG A 170 -15.60 19.79 -42.32
CA ARG A 170 -16.33 19.14 -41.23
C ARG A 170 -17.81 19.49 -41.25
N GLY A 171 -18.12 20.79 -41.40
CA GLY A 171 -19.47 21.32 -41.30
C GLY A 171 -20.51 20.38 -41.94
N CYS A 172 -20.15 19.81 -43.10
CA CYS A 172 -21.08 19.06 -43.93
C CYS A 172 -21.49 17.73 -43.29
N HIS A 173 -20.78 17.31 -42.23
CA HIS A 173 -21.01 16.00 -41.62
C HIS A 173 -21.86 16.09 -40.36
N ALA A 174 -22.12 17.31 -39.87
CA ALA A 174 -22.81 17.52 -38.61
C ALA A 174 -24.09 16.68 -38.51
N GLU A 175 -25.03 16.86 -39.46
CA GLU A 175 -26.31 16.17 -39.44
C GLU A 175 -26.08 14.67 -39.38
N ASP A 176 -25.15 14.15 -40.19
CA ASP A 176 -24.81 12.74 -40.18
C ASP A 176 -24.50 12.26 -38.76
N PHE A 177 -23.77 13.08 -37.99
CA PHE A 177 -23.32 12.69 -36.67
C PHE A 177 -24.50 12.62 -35.69
N LEU A 178 -25.42 13.59 -35.81
CA LEU A 178 -26.56 13.73 -34.90
C LEU A 178 -27.46 12.50 -34.94
N LYS A 179 -27.45 11.76 -36.05
CA LYS A 179 -28.25 10.56 -36.17
C LYS A 179 -27.81 9.54 -35.10
N HIS A 180 -26.51 9.48 -34.79
CA HIS A 180 -25.99 8.48 -33.87
C HIS A 180 -26.24 8.87 -32.40
N ILE A 181 -26.78 10.07 -32.13
CA ILE A 181 -27.01 10.57 -30.78
C ILE A 181 -28.47 10.38 -30.36
N SER A 182 -28.68 10.06 -29.06
CA SER A 182 -29.99 10.08 -28.41
C SER A 182 -29.92 10.87 -27.10
N TYR A 183 -31.08 11.26 -26.55
CA TYR A 183 -31.13 11.86 -25.23
C TYR A 183 -31.69 10.86 -24.23
N PHE A 184 -31.24 10.95 -22.98
CA PHE A 184 -31.80 10.15 -21.89
C PHE A 184 -31.99 11.07 -20.68
N CYS A 185 -33.24 11.19 -20.23
CA CYS A 185 -33.54 11.94 -19.02
C CYS A 185 -33.45 10.98 -17.83
N GLY A 186 -32.68 11.40 -16.83
CA GLY A 186 -32.34 10.53 -15.73
C GLY A 186 -31.51 11.27 -14.68
N ALA A 187 -31.54 10.75 -13.45
CA ALA A 187 -30.74 11.27 -12.36
C ALA A 187 -29.60 10.29 -12.10
N TYR A 188 -28.69 10.70 -11.22
CA TYR A 188 -27.38 10.07 -11.11
C TYR A 188 -27.30 9.14 -9.91
N ASP A 189 -28.44 8.58 -9.44
CA ASP A 189 -28.42 7.72 -8.27
C ASP A 189 -29.60 6.75 -8.19
N SER A 190 -30.70 6.97 -8.95
CA SER A 190 -31.85 6.08 -8.86
C SER A 190 -31.56 4.79 -9.60
N VAL A 191 -31.69 3.64 -8.92
CA VAL A 191 -31.40 2.36 -9.53
C VAL A 191 -32.35 2.15 -10.71
N ASP A 192 -33.58 2.67 -10.58
CA ASP A 192 -34.57 2.58 -11.62
C ASP A 192 -34.05 3.21 -12.91
N ASP A 193 -33.59 4.47 -12.84
CA ASP A 193 -33.16 5.23 -14.01
C ASP A 193 -32.12 4.49 -14.85
N PHE A 194 -31.24 3.71 -14.19
CA PHE A 194 -30.15 3.02 -14.85
C PHE A 194 -30.59 1.66 -15.40
N LYS A 195 -31.62 1.07 -14.78
CA LYS A 195 -32.32 -0.10 -15.31
C LYS A 195 -32.94 0.24 -16.66
N ARG A 196 -33.63 1.38 -16.70
CA ARG A 196 -34.26 1.86 -17.93
C ARG A 196 -33.20 2.12 -19.00
N LEU A 197 -32.15 2.89 -18.65
CA LEU A 197 -31.06 3.15 -19.56
C LEU A 197 -30.50 1.85 -20.10
N ASP A 198 -30.29 0.87 -19.22
CA ASP A 198 -29.79 -0.42 -19.62
C ASP A 198 -30.63 -0.97 -20.78
N ALA A 199 -31.96 -0.98 -20.60
CA ALA A 199 -32.84 -1.54 -21.61
C ALA A 199 -32.76 -0.72 -22.90
N VAL A 200 -32.56 0.60 -22.80
CA VAL A 200 -32.41 1.45 -23.97
C VAL A 200 -31.17 1.05 -24.77
N ILE A 201 -30.12 0.62 -24.07
CA ILE A 201 -28.85 0.27 -24.67
C ILE A 201 -28.96 -1.12 -25.29
N ARG A 202 -29.50 -2.06 -24.50
CA ARG A 202 -29.74 -3.43 -24.90
C ARG A 202 -30.51 -3.51 -26.23
N GLU A 203 -31.43 -2.56 -26.47
CA GLU A 203 -32.20 -2.56 -27.70
C GLU A 203 -31.29 -2.15 -28.86
N LYS A 204 -30.49 -1.09 -28.68
CA LYS A 204 -29.57 -0.61 -29.70
C LYS A 204 -28.49 -1.66 -29.99
N GLU A 205 -28.03 -2.35 -28.94
CA GLU A 205 -26.97 -3.35 -29.09
C GLU A 205 -27.52 -4.59 -29.80
N ASN A 206 -28.79 -4.93 -29.54
CA ASN A 206 -29.38 -6.12 -30.12
C ASN A 206 -29.76 -5.84 -31.57
N ALA A 207 -29.87 -4.55 -31.93
CA ALA A 207 -30.09 -4.12 -33.30
C ALA A 207 -28.81 -4.15 -34.13
N PHE A 208 -27.64 -4.06 -33.50
CA PHE A 208 -26.38 -4.05 -34.21
C PHE A 208 -26.39 -5.14 -35.28
N LYS A 209 -26.04 -4.77 -36.51
CA LYS A 209 -25.96 -5.69 -37.62
C LYS A 209 -24.50 -6.16 -37.75
N GLY A 210 -24.15 -7.23 -37.04
CA GLY A 210 -22.75 -7.65 -36.98
C GLY A 210 -22.56 -9.01 -36.30
N PRO A 211 -21.30 -9.51 -36.24
CA PRO A 211 -21.00 -10.88 -35.77
C PRO A 211 -21.00 -11.23 -34.28
N GLU A 212 -20.59 -10.29 -33.41
CA GLU A 212 -20.51 -10.57 -31.97
C GLU A 212 -21.77 -10.04 -31.28
N LYS A 213 -22.17 -10.72 -30.19
CA LYS A 213 -23.31 -10.28 -29.39
C LYS A 213 -22.79 -9.44 -28.21
N GLY A 214 -23.72 -8.93 -27.39
CA GLY A 214 -23.38 -8.02 -26.31
C GLY A 214 -23.05 -6.62 -26.83
N GLY A 215 -22.32 -5.83 -26.03
CA GLY A 215 -21.99 -4.48 -26.41
C GLY A 215 -20.90 -3.85 -25.55
N ASN A 216 -19.95 -3.18 -26.21
CA ASN A 216 -18.92 -2.42 -25.52
C ASN A 216 -19.53 -1.10 -25.06
N ARG A 217 -19.26 -0.73 -23.80
CA ARG A 217 -19.88 0.42 -23.16
C ARG A 217 -18.81 1.33 -22.53
N LEU A 218 -18.69 2.54 -23.09
CA LEU A 218 -17.82 3.59 -22.56
C LEU A 218 -18.68 4.63 -21.85
N PHE A 219 -18.65 4.63 -20.51
CA PHE A 219 -19.35 5.61 -19.68
C PHE A 219 -18.46 6.82 -19.47
N TYR A 220 -18.89 7.99 -19.99
CA TYR A 220 -18.08 9.19 -19.90
C TYR A 220 -18.71 10.14 -18.88
N LEU A 221 -18.04 10.34 -17.73
CA LEU A 221 -18.63 11.11 -16.64
C LEU A 221 -18.21 12.56 -16.73
N ALA A 222 -18.96 13.36 -17.51
CA ALA A 222 -18.71 14.77 -17.60
C ALA A 222 -19.44 15.50 -16.47
N LEU A 223 -19.07 15.18 -15.23
CA LEU A 223 -19.84 15.60 -14.07
C LEU A 223 -18.90 16.18 -13.01
N PRO A 224 -19.45 16.81 -11.94
CA PRO A 224 -18.65 17.18 -10.77
C PRO A 224 -18.23 15.92 -10.06
N PRO A 225 -16.97 15.81 -9.61
CA PRO A 225 -16.51 14.62 -8.91
C PRO A 225 -17.37 14.14 -7.74
N SER A 226 -18.15 15.02 -7.11
CA SER A 226 -18.99 14.63 -5.97
C SER A 226 -19.97 13.53 -6.37
N VAL A 227 -20.32 13.40 -7.66
CA VAL A 227 -21.29 12.39 -8.06
C VAL A 227 -20.61 11.16 -8.65
N PHE A 228 -19.28 11.14 -8.72
CA PHE A 228 -18.63 10.04 -9.42
C PHE A 228 -19.04 8.71 -8.79
N ALA A 229 -18.96 8.59 -7.46
CA ALA A 229 -19.17 7.30 -6.80
C ALA A 229 -20.61 6.83 -6.96
N SER A 230 -21.54 7.78 -6.82
CA SER A 230 -22.95 7.55 -6.98
C SER A 230 -23.23 6.91 -8.35
N VAL A 231 -22.78 7.59 -9.42
CA VAL A 231 -22.97 7.13 -10.77
C VAL A 231 -22.31 5.76 -10.93
N CYS A 232 -21.08 5.62 -10.43
CA CYS A 232 -20.29 4.41 -10.66
C CYS A 232 -21.01 3.20 -10.05
N GLU A 233 -21.42 3.29 -8.78
CA GLU A 233 -22.19 2.22 -8.18
C GLU A 233 -23.49 1.97 -8.95
N SER A 234 -24.17 3.03 -9.39
CA SER A 234 -25.40 2.89 -10.16
C SER A 234 -25.18 2.12 -11.46
N ILE A 235 -24.05 2.40 -12.14
CA ILE A 235 -23.68 1.65 -13.33
C ILE A 235 -23.46 0.19 -12.93
N HIS A 236 -22.67 -0.03 -11.86
CA HIS A 236 -22.34 -1.38 -11.41
C HIS A 236 -23.58 -2.22 -11.12
N LYS A 237 -24.55 -1.65 -10.40
CA LYS A 237 -25.76 -2.36 -10.02
C LYS A 237 -26.72 -2.52 -11.19
N GLY A 238 -26.64 -1.61 -12.19
CA GLY A 238 -27.77 -1.35 -13.07
C GLY A 238 -27.49 -1.58 -14.56
N ALA A 239 -26.30 -1.21 -15.05
CA ALA A 239 -26.11 -1.04 -16.49
C ALA A 239 -24.74 -1.50 -16.98
N MET A 240 -24.17 -2.58 -16.41
CA MET A 240 -22.93 -3.13 -16.93
C MET A 240 -23.19 -3.78 -18.28
N PRO A 241 -22.17 -4.00 -19.13
CA PRO A 241 -22.34 -4.81 -20.34
C PRO A 241 -22.95 -6.18 -20.11
N GLN A 242 -23.53 -6.75 -21.16
CA GLN A 242 -24.22 -8.03 -21.05
C GLN A 242 -23.20 -9.14 -20.84
N GLU A 243 -23.64 -10.24 -20.22
CA GLU A 243 -22.78 -11.38 -19.91
C GLU A 243 -22.11 -11.91 -21.19
N VAL A 244 -22.89 -12.00 -22.27
CA VAL A 244 -22.43 -12.59 -23.52
C VAL A 244 -21.11 -11.96 -23.97
N GLY A 245 -20.98 -10.64 -23.85
CA GLY A 245 -19.72 -9.97 -24.19
C GLY A 245 -19.79 -8.44 -24.11
N GLY A 246 -18.63 -7.81 -24.32
CA GLY A 246 -18.50 -6.37 -24.20
C GLY A 246 -17.61 -5.98 -23.03
N TRP A 247 -16.78 -4.96 -23.25
CA TRP A 247 -16.02 -4.37 -22.18
C TRP A 247 -16.74 -3.16 -21.63
N VAL A 248 -16.27 -2.71 -20.46
CA VAL A 248 -16.80 -1.53 -19.79
C VAL A 248 -15.64 -0.63 -19.40
N ARG A 249 -15.79 0.66 -19.71
CA ARG A 249 -14.76 1.65 -19.47
C ARG A 249 -15.43 2.92 -19.00
N VAL A 250 -14.73 3.63 -18.10
CA VAL A 250 -15.25 4.82 -17.42
C VAL A 250 -14.20 5.92 -17.48
N ILE A 251 -14.54 7.01 -18.16
CA ILE A 251 -13.68 8.17 -18.20
C ILE A 251 -14.18 9.15 -17.14
N ILE A 252 -13.29 9.58 -16.23
CA ILE A 252 -13.65 10.53 -15.20
C ILE A 252 -12.82 11.79 -15.39
N GLU A 253 -13.39 12.91 -14.99
CA GLU A 253 -12.83 14.24 -15.21
C GLU A 253 -12.19 14.79 -13.94
N LYS A 254 -11.20 15.68 -14.10
CA LYS A 254 -10.58 16.29 -12.93
C LYS A 254 -11.55 17.28 -12.28
N PRO A 255 -11.35 17.72 -11.00
CA PRO A 255 -10.20 17.31 -10.18
C PRO A 255 -10.24 15.89 -9.62
N PHE A 256 -9.04 15.28 -9.51
CA PHE A 256 -8.88 14.04 -8.81
C PHE A 256 -8.38 14.34 -7.39
N GLY A 257 -9.29 14.86 -6.55
CA GLY A 257 -8.95 15.39 -5.24
C GLY A 257 -8.15 16.68 -5.35
N ARG A 258 -7.66 17.15 -4.20
CA ARG A 258 -6.86 18.37 -4.14
C ARG A 258 -5.66 18.17 -3.22
N ASP A 259 -5.47 16.92 -2.75
CA ASP A 259 -4.35 16.56 -1.92
C ASP A 259 -4.35 15.05 -1.77
N THR A 260 -3.35 14.51 -1.06
CA THR A 260 -3.22 13.07 -0.95
C THR A 260 -4.49 12.44 -0.40
N LYS A 261 -5.04 13.06 0.65
CA LYS A 261 -6.12 12.44 1.40
C LYS A 261 -7.41 12.46 0.55
N SER A 262 -7.79 13.63 0.02
CA SER A 262 -9.02 13.73 -0.77
C SER A 262 -8.94 12.88 -2.04
N SER A 263 -7.77 12.80 -2.69
CA SER A 263 -7.60 11.96 -3.87
C SER A 263 -7.79 10.49 -3.53
N ALA A 264 -7.23 10.02 -2.41
CA ALA A 264 -7.31 8.60 -2.10
C ALA A 264 -8.73 8.20 -1.69
N GLU A 265 -9.50 9.11 -1.11
CA GLU A 265 -10.91 8.85 -0.82
C GLU A 265 -11.71 8.60 -2.10
N LEU A 266 -11.54 9.43 -3.13
CA LEU A 266 -12.17 9.17 -4.42
C LEU A 266 -11.71 7.80 -4.96
N SER A 267 -10.40 7.51 -4.93
CA SER A 267 -9.95 6.22 -5.43
C SER A 267 -10.64 5.08 -4.66
N GLN A 268 -10.77 5.23 -3.34
CA GLN A 268 -11.35 4.19 -2.52
C GLN A 268 -12.84 4.07 -2.84
N ALA A 269 -13.48 5.21 -3.11
CA ALA A 269 -14.91 5.23 -3.42
C ALA A 269 -15.23 4.48 -4.70
N LEU A 270 -14.34 4.59 -5.70
CA LEU A 270 -14.58 4.09 -7.04
C LEU A 270 -14.12 2.65 -7.21
N GLU A 271 -13.12 2.22 -6.41
CA GLU A 271 -12.43 0.97 -6.66
C GLU A 271 -13.31 -0.24 -6.35
N PRO A 272 -14.41 -0.13 -5.55
CA PRO A 272 -15.35 -1.25 -5.45
C PRO A 272 -16.05 -1.61 -6.76
N PHE A 273 -16.04 -0.70 -7.76
CA PHE A 273 -16.91 -0.82 -8.92
C PHE A 273 -16.12 -0.91 -10.22
N PHE A 274 -14.92 -0.30 -10.30
CA PHE A 274 -14.14 -0.32 -11.54
C PHE A 274 -12.64 -0.35 -11.26
N ASP A 275 -11.95 -1.32 -11.87
CA ASP A 275 -10.54 -1.53 -11.62
C ASP A 275 -9.74 -0.63 -12.55
N GLU A 276 -8.42 -0.82 -12.57
CA GLU A 276 -7.55 0.12 -13.24
C GLU A 276 -7.46 -0.21 -14.73
N SER A 277 -7.98 -1.37 -15.14
CA SER A 277 -8.20 -1.66 -16.57
C SER A 277 -9.43 -0.96 -17.13
N GLN A 278 -10.34 -0.49 -16.26
CA GLN A 278 -11.62 0.07 -16.66
C GLN A 278 -11.69 1.58 -16.44
N LEU A 279 -11.03 2.07 -15.39
CA LEU A 279 -11.13 3.46 -15.00
C LEU A 279 -10.11 4.26 -15.79
N TYR A 280 -10.55 5.38 -16.38
CA TYR A 280 -9.69 6.25 -17.19
C TYR A 280 -9.76 7.70 -16.70
N ARG A 281 -8.71 8.16 -16.01
CA ARG A 281 -8.64 9.50 -15.48
C ARG A 281 -7.98 10.41 -16.51
N ILE A 282 -8.76 11.32 -17.11
CA ILE A 282 -8.37 11.97 -18.34
C ILE A 282 -7.79 13.34 -18.04
N ASP A 283 -6.67 13.62 -18.73
CA ASP A 283 -5.95 14.89 -18.71
C ASP A 283 -6.06 15.50 -20.10
N HIS A 284 -6.97 16.45 -20.27
CA HIS A 284 -7.30 16.97 -21.60
C HIS A 284 -6.04 17.34 -22.38
N TYR A 285 -4.96 17.74 -21.70
CA TYR A 285 -3.90 18.45 -22.37
C TYR A 285 -2.75 17.53 -22.80
N LEU A 286 -2.78 16.23 -22.47
CA LEU A 286 -1.67 15.37 -22.81
C LEU A 286 -1.98 14.62 -24.11
N GLY A 287 -1.25 14.94 -25.17
CA GLY A 287 -1.54 14.41 -26.50
C GLY A 287 -0.62 13.27 -26.92
N LYS A 288 -1.10 12.47 -27.87
CA LYS A 288 -0.33 11.40 -28.49
C LYS A 288 1.03 11.90 -28.94
N GLU A 289 1.01 13.02 -29.65
CA GLU A 289 2.11 13.47 -30.49
C GLU A 289 3.35 13.67 -29.63
N MET A 290 3.18 14.38 -28.48
CA MET A 290 4.28 14.68 -27.59
C MET A 290 4.71 13.42 -26.83
N VAL A 291 3.76 12.59 -26.41
CA VAL A 291 4.12 11.39 -25.67
C VAL A 291 5.01 10.50 -26.54
N GLN A 292 4.66 10.30 -27.80
CA GLN A 292 5.49 9.52 -28.72
C GLN A 292 6.86 10.16 -28.92
N ASN A 293 6.91 11.50 -29.03
CA ASN A 293 8.19 12.18 -29.11
C ASN A 293 9.08 11.84 -27.92
N ILE A 294 8.51 11.84 -26.70
CA ILE A 294 9.25 11.57 -25.48
C ILE A 294 9.74 10.13 -25.47
N ILE A 295 8.81 9.18 -25.69
CA ILE A 295 9.14 7.78 -25.53
C ILE A 295 9.93 7.23 -26.73
N THR A 296 9.46 7.47 -27.95
CA THR A 296 10.06 6.84 -29.13
C THR A 296 11.45 7.43 -29.36
N THR A 297 11.55 8.76 -29.37
CA THR A 297 12.81 9.38 -29.73
C THR A 297 13.93 8.86 -28.84
N ARG A 298 13.61 8.59 -27.57
CA ARG A 298 14.57 8.14 -26.60
C ARG A 298 14.77 6.63 -26.71
N PHE A 299 13.69 5.85 -26.49
CA PHE A 299 13.88 4.44 -26.18
C PHE A 299 14.16 3.60 -27.43
N ALA A 300 13.81 4.06 -28.62
CA ALA A 300 14.06 3.33 -29.85
C ALA A 300 15.49 3.53 -30.35
N ASN A 301 16.20 4.50 -29.77
CA ASN A 301 17.46 4.95 -30.35
C ASN A 301 18.60 4.84 -29.34
N ARG A 302 19.64 4.09 -29.68
CA ARG A 302 20.81 4.05 -28.82
C ARG A 302 21.34 5.47 -28.55
N ILE A 303 21.34 6.34 -29.56
CA ILE A 303 22.05 7.61 -29.48
C ILE A 303 21.48 8.48 -28.35
N PHE A 304 20.15 8.63 -28.31
CA PHE A 304 19.49 9.41 -27.28
C PHE A 304 19.42 8.63 -25.97
N SER A 305 19.12 7.32 -26.03
CA SER A 305 19.07 6.50 -24.84
C SER A 305 20.35 6.65 -24.02
N ALA A 306 21.49 6.63 -24.68
CA ALA A 306 22.76 6.61 -23.95
C ALA A 306 23.05 7.92 -23.23
N VAL A 307 22.44 9.06 -23.61
CA VAL A 307 22.80 10.35 -23.05
C VAL A 307 21.73 10.85 -22.06
N TRP A 308 20.72 10.02 -21.82
CA TRP A 308 19.54 10.42 -21.10
C TRP A 308 19.73 10.19 -19.59
N ASN A 309 20.73 10.86 -18.99
CA ASN A 309 21.15 10.58 -17.62
C ASN A 309 21.98 11.72 -17.01
N ALA A 310 22.30 11.57 -15.72
CA ALA A 310 23.10 12.49 -14.90
C ALA A 310 24.46 12.79 -15.53
N SER A 311 25.09 11.80 -16.16
CA SER A 311 26.42 12.00 -16.71
C SER A 311 26.41 12.97 -17.88
N ASN A 312 25.25 13.19 -18.51
CA ASN A 312 25.23 13.96 -19.74
C ASN A 312 24.35 15.20 -19.66
N ILE A 313 23.37 15.21 -18.77
CA ILE A 313 22.37 16.26 -18.79
C ILE A 313 22.62 17.23 -17.64
N ALA A 314 22.64 18.52 -17.99
CA ALA A 314 22.95 19.56 -17.03
C ALA A 314 21.66 20.00 -16.35
N CYS A 315 20.56 20.06 -17.11
CA CYS A 315 19.29 20.46 -16.50
C CYS A 315 18.11 20.24 -17.46
N VAL A 316 16.92 20.15 -16.86
CA VAL A 316 15.69 19.89 -17.57
C VAL A 316 14.61 20.83 -17.05
N GLN A 317 13.92 21.48 -18.00
CA GLN A 317 12.73 22.26 -17.71
C GLN A 317 11.54 21.74 -18.52
N ILE A 318 10.39 21.74 -17.84
CA ILE A 318 9.07 21.54 -18.43
C ILE A 318 8.21 22.76 -18.15
N THR A 319 7.74 23.39 -19.23
CA THR A 319 7.16 24.71 -19.21
C THR A 319 5.77 24.66 -19.81
N PHE A 320 4.80 25.29 -19.13
CA PHE A 320 3.43 25.40 -19.60
C PHE A 320 2.96 26.83 -19.35
N LYS A 321 3.02 27.66 -20.40
CA LYS A 321 2.75 29.09 -20.34
C LYS A 321 1.49 29.44 -21.15
N GLU A 322 0.66 30.32 -20.59
CA GLU A 322 -0.52 30.84 -21.27
C GLU A 322 -0.58 32.36 -21.15
N THR A 323 -1.03 32.98 -22.24
CA THR A 323 -1.26 34.41 -22.24
C THR A 323 -2.58 34.69 -21.53
N ILE A 324 -3.56 33.78 -21.67
CA ILE A 324 -4.87 33.96 -21.05
C ILE A 324 -4.69 33.96 -19.54
N GLY A 325 -5.60 34.67 -18.88
CA GLY A 325 -5.71 34.68 -17.44
C GLY A 325 -6.89 33.81 -17.02
N THR A 326 -7.46 34.15 -15.86
CA THR A 326 -8.48 33.33 -15.23
C THR A 326 -9.81 34.07 -15.15
N GLU A 327 -10.07 35.07 -16.01
CA GLU A 327 -11.09 36.05 -15.68
C GLU A 327 -12.45 35.37 -15.66
N GLY A 328 -13.17 35.51 -14.54
CA GLY A 328 -14.48 34.91 -14.37
C GLY A 328 -14.42 33.39 -14.15
N ARG A 329 -13.26 32.88 -13.69
CA ARG A 329 -13.09 31.46 -13.39
C ARG A 329 -12.60 31.27 -11.96
N GLY A 330 -12.60 32.34 -11.17
CA GLY A 330 -12.25 32.27 -9.75
C GLY A 330 -13.06 31.19 -9.03
N GLY A 331 -14.28 30.93 -9.53
CA GLY A 331 -15.13 29.88 -9.00
C GLY A 331 -14.51 28.49 -9.06
N TYR A 332 -13.79 28.18 -10.14
CA TYR A 332 -12.95 26.99 -10.15
C TYR A 332 -11.60 27.34 -9.53
N PHE A 333 -10.91 28.34 -10.09
CA PHE A 333 -9.47 28.44 -9.96
C PHE A 333 -9.01 28.81 -8.55
N ASP A 334 -9.71 29.73 -7.86
CA ASP A 334 -9.17 30.33 -6.64
C ASP A 334 -8.85 29.29 -5.58
N SER A 335 -9.70 28.26 -5.52
CA SER A 335 -9.54 27.17 -4.56
C SER A 335 -8.53 26.12 -5.05
N ILE A 336 -8.13 26.16 -6.34
CA ILE A 336 -7.29 25.13 -6.93
C ILE A 336 -5.83 25.62 -6.94
N GLY A 337 -5.59 26.78 -7.57
CA GLY A 337 -4.25 27.31 -7.75
C GLY A 337 -3.51 26.64 -8.92
N ILE A 338 -2.46 27.30 -9.44
CA ILE A 338 -1.75 26.85 -10.63
C ILE A 338 -1.12 25.46 -10.43
N ILE A 339 -0.77 25.12 -9.19
CA ILE A 339 -0.03 23.90 -8.93
C ILE A 339 -0.95 22.69 -9.07
N ARG A 340 -2.13 22.73 -8.40
CA ARG A 340 -3.06 21.62 -8.51
C ARG A 340 -3.63 21.59 -9.91
N ASP A 341 -3.71 22.78 -10.52
CA ASP A 341 -4.45 22.93 -11.74
C ASP A 341 -3.73 22.21 -12.87
N VAL A 342 -2.42 22.45 -13.06
CA VAL A 342 -1.70 21.80 -14.16
C VAL A 342 -0.36 21.17 -13.78
N MET A 343 0.15 21.36 -12.57
CA MET A 343 1.52 20.93 -12.33
C MET A 343 1.54 19.53 -11.71
N GLN A 344 0.70 19.32 -10.69
CA GLN A 344 0.57 18.04 -10.02
C GLN A 344 0.05 16.96 -10.97
N ASN A 345 -0.74 17.36 -11.96
CA ASN A 345 -1.42 16.41 -12.83
C ASN A 345 -0.71 16.41 -14.18
N HIS A 346 -0.77 17.54 -14.90
CA HIS A 346 -0.29 17.57 -16.27
C HIS A 346 1.23 17.43 -16.33
N LEU A 347 1.95 18.37 -15.72
CA LEU A 347 3.40 18.45 -15.89
C LEU A 347 4.08 17.23 -15.30
N THR A 348 3.51 16.69 -14.22
CA THR A 348 4.14 15.57 -13.54
C THR A 348 4.02 14.30 -14.39
N GLN A 349 2.92 14.16 -15.14
CA GLN A 349 2.85 12.98 -16.00
C GLN A 349 3.89 13.08 -17.13
N ILE A 350 4.03 14.28 -17.71
CA ILE A 350 5.07 14.52 -18.71
C ILE A 350 6.42 14.15 -18.10
N LEU A 351 6.67 14.61 -16.87
CA LEU A 351 7.95 14.38 -16.21
C LEU A 351 8.19 12.88 -16.04
N ALA A 352 7.16 12.18 -15.55
CA ALA A 352 7.28 10.75 -15.36
C ALA A 352 7.66 10.07 -16.66
N LEU A 353 7.01 10.42 -17.78
CA LEU A 353 7.30 9.79 -19.08
C LEU A 353 8.74 10.09 -19.51
N LEU A 354 9.21 11.31 -19.22
CA LEU A 354 10.54 11.77 -19.61
C LEU A 354 11.65 11.14 -18.75
N ALA A 355 11.37 10.92 -17.46
CA ALA A 355 12.39 10.49 -16.52
C ALA A 355 12.37 8.99 -16.29
N MET A 356 11.31 8.30 -16.72
CA MET A 356 11.13 6.91 -16.32
C MET A 356 12.31 6.08 -16.79
N GLU A 357 12.51 4.90 -16.19
CA GLU A 357 13.41 3.88 -16.69
C GLU A 357 12.81 3.12 -17.86
N LYS A 358 13.63 2.27 -18.50
CA LYS A 358 13.23 1.52 -19.69
C LYS A 358 12.21 0.44 -19.33
N PRO A 359 10.97 0.52 -19.85
CA PRO A 359 10.03 -0.59 -19.75
C PRO A 359 10.47 -1.69 -20.70
N ARG A 360 10.13 -2.95 -20.37
CA ARG A 360 10.44 -4.13 -21.16
C ARG A 360 9.66 -4.15 -22.46
N SER A 361 8.45 -3.57 -22.48
CA SER A 361 7.72 -3.47 -23.74
C SER A 361 6.89 -2.21 -23.73
N LEU A 362 6.18 -1.99 -24.83
CA LEU A 362 5.33 -0.83 -24.97
C LEU A 362 3.91 -1.13 -24.53
N ASP A 363 3.71 -2.26 -23.83
CA ASP A 363 2.41 -2.52 -23.23
C ASP A 363 2.15 -1.44 -22.18
N ALA A 364 0.91 -0.96 -22.17
CA ALA A 364 0.52 0.22 -21.44
C ALA A 364 0.92 0.13 -19.97
N GLU A 365 0.67 -1.03 -19.37
CA GLU A 365 0.85 -1.17 -17.94
C GLU A 365 2.33 -1.34 -17.61
N CYS A 366 3.12 -1.79 -18.58
CA CYS A 366 4.56 -1.78 -18.40
C CYS A 366 5.03 -0.33 -18.25
N ILE A 367 4.51 0.53 -19.11
CA ILE A 367 4.89 1.94 -19.10
C ILE A 367 4.37 2.60 -17.82
N ARG A 368 3.14 2.25 -17.44
CA ARG A 368 2.56 2.84 -16.26
C ARG A 368 3.37 2.41 -15.03
N ASP A 369 3.82 1.15 -14.98
CA ASP A 369 4.70 0.67 -13.93
C ASP A 369 5.94 1.55 -13.80
N GLU A 370 6.60 1.81 -14.92
CA GLU A 370 7.76 2.68 -14.92
C GLU A 370 7.41 4.12 -14.51
N LYS A 371 6.25 4.67 -14.86
CA LYS A 371 5.89 6.01 -14.40
C LYS A 371 5.85 6.06 -12.86
N VAL A 372 5.24 5.04 -12.27
CA VAL A 372 5.13 4.97 -10.83
C VAL A 372 6.52 4.88 -10.18
N SER A 373 7.37 3.96 -10.67
CA SER A 373 8.68 3.74 -10.07
C SER A 373 9.46 5.04 -10.03
N VAL A 374 9.42 5.82 -11.11
CA VAL A 374 10.26 7.01 -11.08
C VAL A 374 9.65 8.06 -10.19
N LEU A 375 8.33 8.20 -10.20
CA LEU A 375 7.69 9.15 -9.31
C LEU A 375 8.04 8.85 -7.85
N LYS A 376 8.20 7.57 -7.51
CA LYS A 376 8.50 7.18 -6.13
C LYS A 376 9.93 7.58 -5.79
N CYS A 377 10.74 7.97 -6.77
CA CYS A 377 12.12 8.38 -6.52
C CYS A 377 12.20 9.87 -6.21
N ILE A 378 11.08 10.56 -6.37
CA ILE A 378 11.07 12.01 -6.27
C ILE A 378 10.82 12.42 -4.82
N GLU A 379 11.67 13.36 -4.35
CA GLU A 379 11.58 13.94 -3.03
C GLU A 379 10.40 14.90 -3.01
N PRO A 380 9.59 14.91 -1.94
CA PRO A 380 8.54 15.91 -1.79
C PRO A 380 9.07 17.32 -1.95
N ILE A 381 8.37 18.16 -2.72
CA ILE A 381 8.90 19.45 -3.08
C ILE A 381 8.92 20.33 -1.83
N THR A 382 9.99 21.12 -1.66
CA THR A 382 10.12 21.93 -0.47
C THR A 382 9.72 23.35 -0.82
N LYS A 383 9.30 24.09 0.21
CA LYS A 383 9.02 25.52 0.06
C LYS A 383 10.27 26.31 -0.30
N GLU A 384 11.47 25.73 -0.08
CA GLU A 384 12.71 26.41 -0.46
C GLU A 384 13.00 26.26 -1.96
N ASN A 385 12.24 25.40 -2.66
CA ASN A 385 12.48 25.15 -4.07
C ASN A 385 11.26 25.56 -4.89
N CYS A 386 10.53 26.60 -4.44
CA CYS A 386 9.33 27.03 -5.10
C CYS A 386 9.26 28.56 -5.10
N VAL A 387 9.06 29.15 -6.28
CA VAL A 387 8.80 30.58 -6.42
C VAL A 387 7.39 30.75 -6.96
N LEU A 388 6.54 31.51 -6.26
CA LEU A 388 5.14 31.66 -6.61
C LEU A 388 4.89 33.07 -7.13
N GLY A 389 3.87 33.20 -7.96
CA GLY A 389 3.45 34.50 -8.44
C GLY A 389 1.94 34.63 -8.51
N GLN A 390 1.44 35.87 -8.55
CA GLN A 390 0.05 36.15 -8.84
C GLN A 390 -0.03 37.40 -9.70
N TYR A 391 -0.85 37.34 -10.75
CA TYR A 391 -0.82 38.38 -11.78
C TYR A 391 -1.73 39.55 -11.39
N THR A 392 -1.20 40.74 -11.68
CA THR A 392 -1.91 42.02 -11.63
C THR A 392 -2.23 42.46 -13.06
N ALA A 393 -2.91 43.60 -13.19
CA ALA A 393 -3.33 44.11 -14.49
C ALA A 393 -2.12 44.32 -15.41
N SER A 394 -2.35 44.18 -16.72
CA SER A 394 -1.32 44.46 -17.72
C SER A 394 -0.95 45.93 -17.70
N ALA A 395 0.32 46.24 -17.97
CA ALA A 395 0.80 47.62 -17.98
C ALA A 395 -0.05 48.48 -18.93
N ASP A 396 -0.63 47.88 -19.98
CA ASP A 396 -1.38 48.65 -20.96
C ASP A 396 -2.85 48.78 -20.57
N GLY A 397 -3.25 48.15 -19.46
CA GLY A 397 -4.59 48.31 -18.91
C GLY A 397 -5.65 47.48 -19.65
N SER A 398 -5.24 46.64 -20.59
CA SER A 398 -6.19 45.82 -21.32
C SER A 398 -6.68 44.67 -20.45
N ILE A 399 -5.74 44.00 -19.77
CA ILE A 399 -6.03 42.80 -18.99
C ILE A 399 -6.10 43.13 -17.49
N PRO A 400 -7.24 42.82 -16.82
CA PRO A 400 -7.38 43.07 -15.39
C PRO A 400 -6.62 42.02 -14.58
N GLY A 401 -6.19 42.40 -13.38
CA GLY A 401 -5.49 41.52 -12.45
C GLY A 401 -6.39 40.41 -11.95
N TYR A 402 -5.76 39.39 -11.36
CA TYR A 402 -6.43 38.22 -10.81
C TYR A 402 -7.45 38.61 -9.73
N LEU A 403 -7.05 39.50 -8.81
CA LEU A 403 -7.92 39.92 -7.69
C LEU A 403 -9.08 40.79 -8.21
N GLU A 404 -8.93 41.39 -9.41
CA GLU A 404 -9.96 42.23 -10.01
C GLU A 404 -11.06 41.38 -10.65
N ASP A 405 -11.83 40.66 -9.82
CA ASP A 405 -12.77 39.69 -10.36
C ASP A 405 -13.81 39.41 -9.29
N VAL A 406 -15.08 39.47 -9.67
CA VAL A 406 -16.20 39.20 -8.78
C VAL A 406 -16.13 37.75 -8.30
N THR A 407 -15.65 36.83 -9.17
CA THR A 407 -15.62 35.41 -8.84
C THR A 407 -14.34 35.06 -8.08
N VAL A 408 -13.49 36.05 -7.76
CA VAL A 408 -12.35 35.83 -6.87
C VAL A 408 -12.58 36.61 -5.56
N PRO A 409 -12.39 35.95 -4.40
CA PRO A 409 -12.38 36.66 -3.10
C PRO A 409 -11.28 37.68 -2.91
N GLU A 410 -11.65 38.88 -2.44
CA GLU A 410 -10.69 39.94 -2.14
C GLU A 410 -9.68 39.42 -1.11
N GLY A 411 -8.42 39.90 -1.22
CA GLY A 411 -7.29 39.42 -0.45
C GLY A 411 -6.65 38.09 -0.90
N SER A 412 -7.24 37.37 -1.88
CA SER A 412 -6.74 36.04 -2.21
C SER A 412 -5.25 36.05 -2.51
N THR A 413 -4.56 35.01 -2.02
CA THR A 413 -3.15 34.77 -2.26
C THR A 413 -2.97 33.56 -3.19
N CYS A 414 -3.99 33.26 -3.98
CA CYS A 414 -3.91 32.09 -4.85
C CYS A 414 -2.84 32.31 -5.91
N PRO A 415 -1.89 31.37 -6.12
CA PRO A 415 -0.85 31.54 -7.13
C PRO A 415 -1.32 31.18 -8.54
N THR A 416 -1.02 32.07 -9.51
CA THR A 416 -1.32 31.92 -10.92
C THR A 416 -0.06 31.50 -11.68
N PHE A 417 1.04 31.36 -10.94
CA PHE A 417 2.38 31.20 -11.48
C PHE A 417 3.22 30.47 -10.45
N ALA A 418 3.99 29.48 -10.92
CA ALA A 418 4.88 28.75 -10.03
C ALA A 418 6.06 28.17 -10.81
N VAL A 419 7.25 28.30 -10.23
CA VAL A 419 8.44 27.67 -10.73
C VAL A 419 9.02 26.87 -9.58
N MET A 420 9.32 25.60 -9.83
CA MET A 420 9.84 24.80 -8.75
C MET A 420 10.89 23.83 -9.26
N ARG A 421 11.74 23.42 -8.32
CA ARG A 421 12.80 22.46 -8.54
C ARG A 421 12.41 21.14 -7.89
N LEU A 422 12.53 20.04 -8.65
CA LEU A 422 12.33 18.67 -8.17
C LEU A 422 13.65 17.89 -8.24
N ASN A 423 13.92 17.13 -7.17
CA ASN A 423 15.06 16.24 -7.11
C ASN A 423 14.56 14.83 -7.33
N ILE A 424 15.13 14.15 -8.33
CA ILE A 424 14.87 12.74 -8.56
C ILE A 424 16.09 11.96 -8.05
N ASN A 425 15.92 11.29 -6.91
CA ASN A 425 17.03 10.61 -6.27
C ASN A 425 17.09 9.15 -6.75
N ASN A 426 17.82 8.94 -7.85
CA ASN A 426 18.12 7.59 -8.33
C ASN A 426 19.44 7.66 -9.10
N ASP A 427 19.95 6.49 -9.53
CA ASP A 427 21.24 6.40 -10.19
C ASP A 427 21.25 7.24 -11.46
N ARG A 428 20.12 7.26 -12.19
CA ARG A 428 20.02 7.99 -13.45
C ARG A 428 19.98 9.51 -13.25
N TRP A 429 19.34 10.00 -12.16
CA TRP A 429 19.00 11.43 -12.12
C TRP A 429 19.63 12.17 -10.95
N ALA A 430 20.29 11.48 -10.02
CA ALA A 430 20.75 12.14 -8.81
C ALA A 430 21.57 13.36 -9.19
N GLY A 431 21.24 14.51 -8.61
CA GLY A 431 21.98 15.75 -8.85
C GLY A 431 21.40 16.60 -9.97
N VAL A 432 20.58 16.03 -10.85
CA VAL A 432 20.15 16.79 -12.00
C VAL A 432 18.96 17.64 -11.62
N PRO A 433 18.97 18.97 -11.91
CA PRO A 433 17.81 19.81 -11.68
C PRO A 433 16.67 19.62 -12.68
N PHE A 434 15.48 19.32 -12.15
CA PHE A 434 14.27 19.30 -12.93
C PHE A 434 13.44 20.49 -12.49
N ILE A 435 13.19 21.39 -13.45
CA ILE A 435 12.43 22.62 -13.25
C ILE A 435 11.06 22.47 -13.88
N LEU A 436 10.02 22.64 -13.07
CA LEU A 436 8.67 22.74 -13.57
C LEU A 436 8.23 24.17 -13.46
N LYS A 437 7.61 24.67 -14.53
CA LYS A 437 7.18 26.05 -14.57
C LYS A 437 5.81 26.09 -15.22
N ALA A 438 4.86 26.77 -14.54
CA ALA A 438 3.53 27.00 -15.08
C ALA A 438 3.08 28.41 -14.69
N GLY A 439 2.31 29.04 -15.58
CA GLY A 439 1.84 30.38 -15.29
C GLY A 439 0.75 30.84 -16.26
N LYS A 440 -0.21 31.59 -15.70
CA LYS A 440 -1.24 32.27 -16.45
C LYS A 440 -0.82 33.74 -16.66
N ALA A 441 -1.40 34.36 -17.70
CA ALA A 441 -1.24 35.78 -17.98
C ALA A 441 0.22 36.15 -18.21
N VAL A 442 1.01 35.24 -18.79
CA VAL A 442 2.43 35.50 -19.03
C VAL A 442 2.57 35.97 -20.49
N GLU A 443 3.79 35.90 -21.05
CA GLU A 443 4.13 36.70 -22.22
C GLU A 443 3.83 35.93 -23.50
N GLN A 444 3.75 34.60 -23.46
CA GLN A 444 3.38 33.87 -24.65
C GLN A 444 2.80 32.50 -24.30
N LYS A 445 2.13 31.91 -25.29
CA LYS A 445 1.56 30.59 -25.18
C LYS A 445 2.59 29.56 -25.63
N TYR A 446 3.00 28.67 -24.71
CA TYR A 446 4.14 27.80 -24.95
C TYR A 446 4.15 26.62 -23.98
N VAL A 447 4.19 25.40 -24.52
CA VAL A 447 4.44 24.20 -23.73
C VAL A 447 5.62 23.47 -24.37
N ALA A 448 6.66 23.18 -23.57
CA ALA A 448 7.82 22.48 -24.08
C ALA A 448 8.65 21.87 -22.95
N ILE A 449 9.38 20.83 -23.33
CA ILE A 449 10.48 20.27 -22.57
C ILE A 449 11.78 20.80 -23.15
N ARG A 450 12.67 21.31 -22.30
CA ARG A 450 14.00 21.70 -22.70
C ARG A 450 14.99 20.92 -21.87
N ILE A 451 15.83 20.13 -22.57
CA ILE A 451 16.95 19.43 -21.96
C ILE A 451 18.23 20.09 -22.42
N GLN A 452 19.00 20.59 -21.44
CA GLN A 452 20.34 21.12 -21.69
C GLN A 452 21.36 20.07 -21.29
N PHE A 453 22.24 19.73 -22.25
CA PHE A 453 23.32 18.78 -22.08
C PHE A 453 24.54 19.48 -21.50
N ARG A 454 25.41 18.75 -20.82
CA ARG A 454 26.62 19.35 -20.29
C ARG A 454 27.50 19.82 -21.45
N ASP A 455 28.22 20.92 -21.23
CA ASP A 455 29.16 21.47 -22.21
C ASP A 455 30.33 20.49 -22.38
N GLU A 456 30.82 20.38 -23.61
CA GLU A 456 32.16 19.89 -23.88
C GLU A 456 33.07 21.12 -23.96
N VAL A 457 33.69 21.46 -22.83
CA VAL A 457 34.59 22.61 -22.75
C VAL A 457 35.78 22.36 -23.68
N HIS A 458 36.33 21.13 -23.63
CA HIS A 458 37.54 20.75 -24.35
C HIS A 458 37.24 19.89 -25.59
N PRO A 459 37.84 20.15 -26.77
CA PRO A 459 38.77 21.25 -27.00
C PRO A 459 38.26 22.50 -27.72
N TYR A 460 36.95 22.58 -28.00
CA TYR A 460 36.44 23.68 -28.83
C TYR A 460 36.30 24.98 -28.03
N GLY A 461 36.24 24.91 -26.69
CA GLY A 461 36.05 26.08 -25.86
C GLY A 461 34.83 26.90 -26.29
N GLU A 462 35.08 28.15 -26.70
CA GLU A 462 34.01 29.09 -27.01
C GLU A 462 33.50 28.86 -28.43
N ALA A 463 34.19 28.02 -29.19
CA ALA A 463 33.71 27.62 -30.51
C ALA A 463 32.62 26.54 -30.40
N THR A 464 32.20 26.22 -29.16
CA THR A 464 31.07 25.35 -28.93
C THR A 464 30.28 25.83 -27.72
N GLN A 465 29.20 25.09 -27.46
CA GLN A 465 28.06 25.53 -26.69
C GLN A 465 27.30 24.27 -26.29
N ARG A 466 26.59 24.33 -25.17
CA ARG A 466 25.80 23.20 -24.67
C ARG A 466 24.84 22.72 -25.75
N ASN A 467 24.79 21.40 -25.99
CA ASN A 467 23.77 20.81 -26.84
C ASN A 467 22.43 20.93 -26.13
N GLU A 468 21.34 21.03 -26.89
CA GLU A 468 20.00 20.99 -26.31
C GLU A 468 19.09 20.06 -27.10
N LEU A 469 18.03 19.61 -26.43
CA LEU A 469 16.94 18.91 -27.07
C LEU A 469 15.63 19.56 -26.62
N VAL A 470 14.82 20.04 -27.57
CA VAL A 470 13.54 20.67 -27.24
C VAL A 470 12.43 19.77 -27.77
N ILE A 471 11.41 19.52 -26.95
CA ILE A 471 10.19 18.89 -27.43
C ILE A 471 9.06 19.86 -27.13
N ARG A 472 8.53 20.51 -28.16
CA ARG A 472 7.53 21.54 -27.99
C ARG A 472 6.20 21.05 -28.52
N ALA A 473 5.11 21.40 -27.82
CA ALA A 473 3.78 20.94 -28.18
C ALA A 473 2.89 22.14 -28.52
N GLN A 474 3.15 23.30 -27.92
CA GLN A 474 2.41 24.52 -28.16
C GLN A 474 3.39 25.68 -28.35
N PRO A 475 3.11 26.65 -29.26
CA PRO A 475 1.85 26.73 -30.00
C PRO A 475 1.72 25.76 -31.17
N SER A 476 2.84 25.11 -31.51
CA SER A 476 2.87 24.09 -32.54
C SER A 476 3.90 23.03 -32.16
N GLU A 477 3.72 21.82 -32.68
CA GLU A 477 4.66 20.74 -32.43
C GLU A 477 6.00 21.05 -33.09
N ALA A 478 7.08 20.75 -32.37
CA ALA A 478 8.43 20.84 -32.90
C ALA A 478 9.33 20.01 -32.01
N MET A 479 10.27 19.29 -32.61
CA MET A 479 11.28 18.61 -31.81
C MET A 479 12.62 18.76 -32.49
N TYR A 480 13.63 19.27 -31.78
CA TYR A 480 14.93 19.43 -32.41
C TYR A 480 16.05 19.25 -31.40
N VAL A 481 17.26 19.05 -31.90
CA VAL A 481 18.44 19.15 -31.06
C VAL A 481 19.25 20.34 -31.58
N LYS A 482 19.89 21.10 -30.69
CA LYS A 482 20.89 22.08 -31.07
C LYS A 482 22.27 21.45 -30.88
N ILE A 483 23.09 21.46 -31.93
CA ILE A 483 24.45 20.94 -31.87
C ILE A 483 25.38 21.91 -32.60
N THR A 484 26.68 21.69 -32.45
CA THR A 484 27.67 22.51 -33.11
C THR A 484 28.33 21.74 -34.26
N THR A 485 28.41 22.38 -35.43
CA THR A 485 28.99 21.77 -36.62
C THR A 485 30.01 22.72 -37.27
N LYS A 486 30.89 22.14 -38.10
CA LYS A 486 31.79 22.90 -38.95
C LYS A 486 30.99 23.80 -39.90
N VAL A 487 31.61 24.91 -40.31
CA VAL A 487 31.19 25.66 -41.49
C VAL A 487 32.18 25.37 -42.62
N PRO A 488 31.73 25.21 -43.88
CA PRO A 488 32.66 24.98 -45.00
C PRO A 488 33.37 26.27 -45.44
N GLY A 489 34.71 26.26 -45.43
CA GLY A 489 35.49 27.47 -45.68
C GLY A 489 36.89 27.18 -46.19
N GLY A 492 39.69 28.46 -43.27
CA GLY A 492 39.01 27.16 -43.07
C GLY A 492 39.58 26.38 -41.88
N ASP A 493 39.40 26.94 -40.67
CA ASP A 493 39.98 26.40 -39.46
C ASP A 493 38.89 25.70 -38.65
N LEU A 494 39.34 24.70 -37.86
CA LEU A 494 38.48 23.82 -37.10
C LEU A 494 37.58 24.57 -36.11
N ARG A 495 38.05 25.69 -35.54
CA ARG A 495 37.28 26.42 -34.55
C ARG A 495 36.28 27.36 -35.22
N GLN A 496 36.08 27.24 -36.54
CA GLN A 496 35.04 28.01 -37.21
C GLN A 496 33.77 27.16 -37.23
N THR A 497 32.90 27.37 -36.24
CA THR A 497 31.78 26.46 -36.02
C THR A 497 30.46 27.22 -36.12
N HIS A 498 29.37 26.44 -36.14
CA HIS A 498 28.02 26.93 -36.32
C HIS A 498 27.11 26.24 -35.30
N GLN A 499 26.06 26.94 -34.88
CA GLN A 499 24.96 26.37 -34.12
C GLN A 499 23.84 25.96 -35.08
N THR A 500 23.50 24.66 -35.10
CA THR A 500 22.49 24.17 -36.02
C THR A 500 21.42 23.37 -35.27
N GLU A 501 20.18 23.48 -35.77
CA GLU A 501 19.00 22.82 -35.22
C GLU A 501 18.53 21.67 -36.13
N LEU A 502 18.88 20.43 -35.76
CA LEU A 502 18.32 19.29 -36.46
C LEU A 502 16.89 19.11 -35.98
N ASP A 503 15.96 19.12 -36.94
CA ASP A 503 14.56 18.84 -36.75
C ASP A 503 14.35 17.33 -36.84
N LEU A 504 13.87 16.70 -35.75
CA LEU A 504 13.62 15.26 -35.70
C LEU A 504 12.18 14.97 -36.11
N THR A 505 11.41 16.02 -36.39
CA THR A 505 9.98 15.92 -36.63
C THR A 505 9.72 15.80 -38.13
N PRO A 515 -6.97 14.73 -35.25
CA PRO A 515 -7.39 14.64 -33.85
C PRO A 515 -6.44 15.33 -32.87
N ASP A 516 -6.98 16.29 -32.12
CA ASP A 516 -6.22 17.08 -31.16
C ASP A 516 -5.91 16.25 -29.91
N ALA A 517 -5.31 16.88 -28.88
CA ALA A 517 -4.86 16.18 -27.68
C ALA A 517 -6.02 15.44 -27.00
N TYR A 518 -7.07 16.18 -26.67
CA TYR A 518 -8.23 15.63 -25.99
C TYR A 518 -8.79 14.45 -26.77
N GLU A 519 -9.00 14.67 -28.07
CA GLU A 519 -9.55 13.68 -28.99
C GLU A 519 -8.71 12.39 -29.03
N SER A 520 -7.38 12.56 -28.99
CA SER A 520 -6.46 11.44 -29.06
C SER A 520 -6.60 10.59 -27.79
N LEU A 521 -6.93 11.23 -26.66
CA LEU A 521 -7.18 10.52 -25.42
C LEU A 521 -8.48 9.73 -25.47
N ILE A 522 -9.56 10.34 -25.99
CA ILE A 522 -10.82 9.62 -26.05
C ILE A 522 -10.65 8.42 -26.98
N ASN A 523 -9.84 8.61 -28.03
CA ASN A 523 -9.59 7.54 -28.97
C ASN A 523 -8.81 6.41 -28.27
N ASP A 524 -7.78 6.76 -27.49
CA ASP A 524 -7.01 5.76 -26.77
C ASP A 524 -7.91 4.94 -25.85
N ALA A 525 -8.93 5.57 -25.24
CA ALA A 525 -9.83 4.89 -24.32
C ALA A 525 -10.73 3.91 -25.05
N LEU A 526 -11.21 4.30 -26.23
CA LEU A 526 -11.93 3.38 -27.09
C LEU A 526 -11.04 2.21 -27.49
N LEU A 527 -9.74 2.45 -27.65
CA LEU A 527 -8.84 1.39 -28.10
C LEU A 527 -8.38 0.50 -26.94
N GLY A 528 -8.60 0.93 -25.69
CA GLY A 528 -8.18 0.16 -24.51
C GLY A 528 -6.71 0.41 -24.15
N ASN A 529 -6.23 1.61 -24.48
CA ASN A 529 -4.84 1.95 -24.28
C ASN A 529 -4.77 3.00 -23.18
N SER A 530 -4.29 2.61 -21.98
CA SER A 530 -4.27 3.49 -20.83
C SER A 530 -2.92 4.17 -20.60
N THR A 531 -2.00 4.09 -21.57
CA THR A 531 -0.65 4.60 -21.38
C THR A 531 -0.64 6.02 -20.80
N ASN A 532 -1.49 6.92 -21.30
CA ASN A 532 -1.42 8.34 -20.99
C ASN A 532 -2.47 8.74 -19.96
N PHE A 533 -2.96 7.75 -19.20
CA PHE A 533 -3.90 8.02 -18.12
C PHE A 533 -3.21 7.70 -16.80
N VAL A 534 -3.43 8.56 -15.79
CA VAL A 534 -2.81 8.35 -14.49
C VAL A 534 -3.43 7.12 -13.81
N ARG A 535 -2.60 6.17 -13.39
CA ARG A 535 -3.08 5.03 -12.63
C ARG A 535 -3.25 5.43 -11.17
N LYS A 536 -4.08 4.66 -10.47
CA LYS A 536 -4.43 4.91 -9.08
C LYS A 536 -3.20 5.05 -8.19
N ASP A 537 -2.19 4.17 -8.36
CA ASP A 537 -0.99 4.21 -7.55
C ASP A 537 -0.14 5.42 -7.94
N GLU A 538 0.01 5.65 -9.25
CA GLU A 538 0.68 6.81 -9.82
C GLU A 538 0.15 8.13 -9.26
N LEU A 539 -1.18 8.25 -9.22
CA LEU A 539 -1.87 9.44 -8.76
C LEU A 539 -1.52 9.71 -7.30
N ASP A 540 -1.50 8.64 -6.51
CA ASP A 540 -1.22 8.73 -5.09
C ASP A 540 0.22 9.23 -4.90
N VAL A 541 1.19 8.73 -5.70
CA VAL A 541 2.58 9.12 -5.49
C VAL A 541 2.72 10.60 -5.83
N ALA A 542 2.07 11.00 -6.92
CA ALA A 542 2.16 12.36 -7.37
C ALA A 542 1.63 13.29 -6.29
N TRP A 543 0.51 12.89 -5.67
CA TRP A 543 -0.06 13.72 -4.63
C TRP A 543 0.90 13.83 -3.45
N ARG A 544 1.63 12.76 -3.11
CA ARG A 544 2.58 12.82 -2.01
C ARG A 544 3.80 13.71 -2.35
N ILE A 545 4.13 13.88 -3.63
CA ILE A 545 5.22 14.76 -4.03
C ILE A 545 4.84 16.21 -3.74
N PHE A 546 3.56 16.57 -3.91
CA PHE A 546 3.13 17.96 -3.87
C PHE A 546 2.37 18.40 -2.61
N THR A 547 1.79 17.46 -1.85
CA THR A 547 0.85 17.86 -0.82
C THR A 547 1.53 18.65 0.30
N PRO A 548 2.68 18.19 0.87
CA PRO A 548 3.40 18.96 1.89
C PRO A 548 3.67 20.39 1.46
N LEU A 549 4.03 20.60 0.19
CA LEU A 549 4.23 21.95 -0.32
C LEU A 549 2.92 22.72 -0.30
N LEU A 550 1.86 22.12 -0.85
CA LEU A 550 0.55 22.75 -0.90
C LEU A 550 0.14 23.14 0.53
N HIS A 551 0.53 22.34 1.54
CA HIS A 551 0.15 22.67 2.91
C HIS A 551 0.89 23.94 3.35
N GLN A 552 2.21 23.96 3.12
CA GLN A 552 3.03 25.09 3.48
C GLN A 552 2.48 26.37 2.84
N ILE A 553 2.00 26.25 1.60
CA ILE A 553 1.46 27.39 0.86
C ILE A 553 0.17 27.84 1.53
N ASP A 554 -0.73 26.91 1.84
CA ASP A 554 -1.99 27.26 2.47
C ASP A 554 -1.78 27.76 3.91
N SER A 555 -0.68 27.36 4.58
CA SER A 555 -0.37 27.87 5.92
C SER A 555 0.37 29.22 5.80
N GLY A 556 0.59 29.72 4.57
CA GLY A 556 1.18 31.04 4.35
C GLY A 556 2.72 31.10 4.51
N GLU A 557 3.44 29.97 4.47
CA GLU A 557 4.87 29.98 4.77
C GLU A 557 5.67 30.55 3.59
N ILE A 558 5.12 30.48 2.39
CA ILE A 558 5.64 31.26 1.28
C ILE A 558 4.45 31.91 0.57
N LYS A 559 4.75 32.99 -0.16
CA LYS A 559 3.77 33.94 -0.66
C LYS A 559 4.07 34.31 -2.11
N PRO A 560 3.02 34.61 -2.90
CA PRO A 560 3.18 34.88 -4.32
C PRO A 560 3.76 36.28 -4.50
N ILE A 561 4.67 36.38 -5.46
CA ILE A 561 5.17 37.66 -5.89
C ILE A 561 4.22 38.21 -6.97
N PRO A 562 3.83 39.50 -6.93
CA PRO A 562 3.04 40.08 -8.01
C PRO A 562 3.79 40.17 -9.34
N TYR A 563 3.10 39.95 -10.47
CA TYR A 563 3.67 40.22 -11.78
C TYR A 563 2.54 40.74 -12.66
N GLN A 564 2.86 41.68 -13.56
CA GLN A 564 1.85 42.27 -14.42
C GLN A 564 1.49 41.27 -15.51
N ALA A 565 0.20 41.25 -15.86
CA ALA A 565 -0.25 40.41 -16.94
C ALA A 565 0.53 40.77 -18.20
N GLY A 566 1.25 39.79 -18.76
CA GLY A 566 1.89 39.95 -20.07
C GLY A 566 3.40 39.94 -19.96
N THR A 567 3.93 40.01 -18.73
CA THR A 567 5.35 39.82 -18.50
C THR A 567 5.66 38.34 -18.39
N ARG A 568 6.94 38.03 -18.15
CA ARG A 568 7.41 36.67 -17.96
C ARG A 568 7.00 36.09 -16.61
N GLY A 569 6.58 36.94 -15.68
CA GLY A 569 6.36 36.52 -14.31
C GLY A 569 7.35 37.21 -13.38
N PRO A 570 7.41 36.81 -12.09
CA PRO A 570 8.37 37.38 -11.14
C PRO A 570 9.82 37.24 -11.60
N LYS A 571 10.58 38.34 -11.56
CA LYS A 571 11.96 38.28 -12.02
C LYS A 571 12.69 37.26 -11.16
N GLU A 572 12.26 37.15 -9.90
CA GLU A 572 12.80 36.20 -8.94
C GLU A 572 12.77 34.79 -9.53
N ALA A 573 11.78 34.49 -10.37
CA ALA A 573 11.63 33.15 -10.92
C ALA A 573 12.78 32.86 -11.89
N ASP A 574 13.07 33.82 -12.76
CA ASP A 574 14.13 33.63 -13.74
C ASP A 574 15.49 33.50 -13.06
N GLU A 575 15.67 34.19 -11.92
CA GLU A 575 16.87 34.07 -11.11
C GLU A 575 16.95 32.69 -10.45
N PHE A 576 15.80 32.17 -9.99
CA PHE A 576 15.75 30.84 -9.43
C PHE A 576 16.27 29.83 -10.46
N ILE A 577 15.71 29.92 -11.67
CA ILE A 577 16.04 29.01 -12.75
C ILE A 577 17.54 29.04 -12.98
N ALA A 578 18.06 30.26 -13.21
CA ALA A 578 19.46 30.48 -13.50
C ALA A 578 20.31 29.97 -12.35
N ASN A 579 19.85 30.16 -11.10
CA ASN A 579 20.52 29.65 -9.91
C ASN A 579 20.34 28.14 -9.71
N ASN A 580 19.64 27.46 -10.64
CA ASN A 580 19.40 26.03 -10.52
C ASN A 580 19.91 25.30 -11.76
N GLY A 581 20.94 25.88 -12.41
CA GLY A 581 21.78 25.15 -13.36
C GLY A 581 21.56 25.49 -14.84
N PHE A 582 20.50 26.23 -15.19
CA PHE A 582 20.22 26.53 -16.58
C PHE A 582 21.11 27.67 -17.07
N LYS A 583 21.68 27.53 -18.27
CA LYS A 583 22.52 28.55 -18.90
C LYS A 583 21.84 29.06 -20.16
N HIS A 584 21.87 30.39 -20.38
CA HIS A 584 21.14 31.00 -21.48
C HIS A 584 21.90 30.78 -22.81
N GLN A 585 21.14 30.40 -23.85
CA GLN A 585 21.66 30.18 -25.19
C GLN A 585 21.48 31.45 -26.02
N ASP B 45 -5.80 -19.36 -30.74
CA ASP B 45 -6.83 -19.48 -29.66
C ASP B 45 -6.21 -19.08 -28.34
N ALA B 46 -5.44 -19.99 -27.74
CA ALA B 46 -4.75 -19.75 -26.47
C ALA B 46 -3.42 -19.07 -26.74
N TYR B 47 -3.49 -17.79 -27.14
CA TYR B 47 -2.36 -16.88 -27.14
C TYR B 47 -2.47 -16.02 -25.88
N VAL B 48 -2.37 -16.67 -24.71
CA VAL B 48 -2.52 -15.98 -23.43
C VAL B 48 -1.24 -15.20 -23.12
N ALA B 49 -0.08 -15.83 -23.35
CA ALA B 49 1.20 -15.24 -22.94
C ALA B 49 1.01 -14.48 -21.63
N ASP B 50 0.70 -15.24 -20.56
CA ASP B 50 0.80 -14.79 -19.17
C ASP B 50 2.21 -15.09 -18.65
N VAL B 51 2.98 -15.81 -19.48
CA VAL B 51 4.41 -15.99 -19.34
C VAL B 51 5.05 -14.60 -19.24
N ASP B 52 4.93 -13.82 -20.33
CA ASP B 52 5.39 -12.44 -20.37
C ASP B 52 5.01 -11.71 -19.08
N GLY B 53 3.77 -11.91 -18.63
CA GLY B 53 3.26 -11.30 -17.41
C GLY B 53 4.07 -11.68 -16.16
N ILE B 54 4.59 -12.91 -16.09
CA ILE B 54 5.32 -13.30 -14.89
C ILE B 54 6.80 -12.94 -15.07
N LEU B 55 7.32 -13.08 -16.30
CA LEU B 55 8.61 -12.51 -16.65
C LEU B 55 8.72 -11.06 -16.14
N ASP B 56 7.65 -10.27 -16.33
CA ASP B 56 7.61 -8.88 -15.87
C ASP B 56 7.82 -8.80 -14.37
N VAL B 57 7.20 -9.72 -13.62
CA VAL B 57 7.34 -9.72 -12.17
C VAL B 57 8.80 -10.02 -11.82
N LEU B 58 9.37 -11.05 -12.46
CA LEU B 58 10.76 -11.42 -12.23
C LEU B 58 11.64 -10.22 -12.50
N ARG B 59 11.46 -9.60 -13.67
CA ARG B 59 12.22 -8.41 -14.05
C ARG B 59 12.22 -7.38 -12.92
N ALA B 60 11.02 -7.06 -12.43
CA ALA B 60 10.84 -6.02 -11.42
C ALA B 60 11.58 -6.38 -10.13
N GLN B 61 11.61 -7.68 -9.80
CA GLN B 61 12.31 -8.17 -8.62
C GLN B 61 13.82 -8.03 -8.78
N VAL B 62 14.34 -8.49 -9.91
CA VAL B 62 15.74 -8.40 -10.23
C VAL B 62 16.21 -6.94 -10.17
N LEU B 63 15.44 -6.01 -10.75
CA LEU B 63 15.90 -4.64 -10.85
C LEU B 63 15.66 -3.87 -9.54
N GLU B 64 14.65 -4.26 -8.76
CA GLU B 64 14.46 -3.73 -7.41
C GLU B 64 15.67 -4.10 -6.54
N ARG B 65 16.07 -5.37 -6.57
CA ARG B 65 17.05 -5.92 -5.64
C ARG B 65 18.46 -5.81 -6.22
N LYS B 66 18.60 -6.08 -7.52
CA LYS B 66 19.83 -5.92 -8.28
C LYS B 66 20.88 -6.92 -7.83
N PRO B 67 20.62 -8.25 -7.96
CA PRO B 67 21.62 -9.27 -7.66
C PRO B 67 22.82 -9.28 -8.60
N ASP B 68 23.92 -9.88 -8.11
CA ASP B 68 25.12 -10.06 -8.90
C ASP B 68 24.87 -11.20 -9.88
N ASP B 69 24.34 -12.31 -9.35
CA ASP B 69 23.96 -13.47 -10.14
C ASP B 69 22.47 -13.40 -10.45
N ILE B 70 22.15 -13.04 -11.70
CA ILE B 70 20.78 -12.91 -12.18
C ILE B 70 20.14 -14.30 -12.16
N PHE B 71 20.85 -15.28 -12.73
CA PHE B 71 20.34 -16.64 -12.93
C PHE B 71 19.80 -17.23 -11.62
N GLN B 72 20.63 -17.25 -10.57
CA GLN B 72 20.27 -17.88 -9.30
C GLN B 72 19.14 -17.11 -8.63
N PHE B 73 19.04 -15.80 -8.88
CA PHE B 73 17.96 -15.00 -8.35
C PHE B 73 16.65 -15.28 -9.11
N ILE B 74 16.74 -15.55 -10.42
CA ILE B 74 15.58 -15.90 -11.21
C ILE B 74 14.92 -17.15 -10.60
N SER B 75 15.73 -18.20 -10.35
CA SER B 75 15.30 -19.47 -9.78
C SER B 75 14.52 -19.25 -8.48
N LYS B 76 15.17 -18.56 -7.53
CA LYS B 76 14.68 -18.40 -6.17
C LYS B 76 13.40 -17.56 -6.14
N SER B 77 13.22 -16.64 -7.09
CA SER B 77 12.00 -15.85 -7.19
C SER B 77 10.88 -16.65 -7.82
N ALA B 78 11.23 -17.54 -8.76
CA ALA B 78 10.28 -18.40 -9.45
C ALA B 78 9.75 -19.50 -8.54
N LEU B 79 10.66 -20.21 -7.86
CA LEU B 79 10.28 -21.30 -6.96
C LEU B 79 9.51 -20.73 -5.76
N SER B 80 9.87 -19.51 -5.33
CA SER B 80 9.18 -18.83 -4.24
C SER B 80 8.00 -17.99 -4.76
N LEU B 81 7.67 -18.12 -6.06
CA LEU B 81 6.46 -17.55 -6.61
C LEU B 81 5.34 -18.59 -6.61
N GLN B 82 5.71 -19.88 -6.50
CA GLN B 82 4.77 -20.97 -6.23
C GLN B 82 4.40 -20.95 -4.73
N CYS B 90 -9.54 -31.87 -1.46
CA CYS B 90 -8.23 -32.52 -1.73
C CYS B 90 -8.17 -33.84 -0.97
N ASP B 91 -7.34 -33.92 0.08
CA ASP B 91 -6.84 -35.19 0.58
C ASP B 91 -7.44 -35.54 1.94
N ARG B 92 -7.63 -36.84 2.17
CA ARG B 92 -7.94 -37.36 3.49
C ARG B 92 -6.96 -36.73 4.49
N ILE B 93 -7.48 -36.38 5.68
CA ILE B 93 -6.65 -35.83 6.75
C ILE B 93 -5.77 -36.93 7.33
N ASN B 94 -4.46 -36.66 7.38
CA ASN B 94 -3.51 -37.58 7.97
C ASN B 94 -3.36 -37.28 9.46
N CYS B 95 -3.97 -38.12 10.31
CA CYS B 95 -3.85 -37.99 11.74
C CYS B 95 -2.39 -38.10 12.17
N LYS B 96 -1.85 -37.02 12.77
CA LYS B 96 -0.49 -36.95 13.27
C LYS B 96 -0.52 -36.92 14.80
N VAL B 97 -1.66 -37.27 15.40
CA VAL B 97 -1.81 -37.08 16.84
C VAL B 97 -1.20 -38.30 17.55
N LYS B 98 -0.80 -38.08 18.81
CA LYS B 98 0.02 -39.05 19.53
C LYS B 98 -0.86 -40.08 20.24
N ASP B 99 -0.18 -40.97 20.99
CA ASP B 99 -0.75 -42.14 21.61
C ASP B 99 -1.82 -41.75 22.62
N GLU B 100 -1.44 -40.91 23.59
CA GLU B 100 -2.30 -40.53 24.71
C GLU B 100 -3.50 -39.72 24.23
N GLN B 101 -3.35 -39.03 23.09
CA GLN B 101 -4.36 -38.12 22.58
C GLN B 101 -5.52 -38.89 21.96
N LYS B 102 -5.22 -40.05 21.35
CA LYS B 102 -6.23 -40.90 20.73
C LYS B 102 -6.84 -41.83 21.78
N SER B 103 -6.25 -41.88 22.98
CA SER B 103 -6.59 -42.86 23.99
C SER B 103 -7.93 -42.55 24.63
N ARG B 104 -8.26 -41.26 24.72
CA ARG B 104 -9.38 -40.83 25.53
C ARG B 104 -10.18 -39.75 24.80
N ALA B 105 -11.45 -39.60 25.22
CA ALA B 105 -12.29 -38.53 24.72
C ALA B 105 -11.64 -37.16 24.97
N LEU B 106 -11.73 -36.26 23.98
CA LEU B 106 -11.38 -34.86 24.18
C LEU B 106 -12.58 -33.96 23.89
N THR B 107 -12.88 -33.03 24.80
CA THR B 107 -13.86 -32.01 24.50
C THR B 107 -13.24 -30.62 24.68
N ILE B 108 -13.43 -29.76 23.67
CA ILE B 108 -13.01 -28.36 23.73
C ILE B 108 -14.26 -27.49 23.79
N ILE B 109 -14.37 -26.70 24.86
CA ILE B 109 -15.47 -25.80 25.07
C ILE B 109 -14.98 -24.37 24.92
N VAL B 110 -15.52 -23.68 23.91
CA VAL B 110 -15.18 -22.30 23.65
C VAL B 110 -16.33 -21.45 24.16
N PHE B 111 -16.10 -20.80 25.30
CA PHE B 111 -17.02 -19.84 25.86
C PHE B 111 -16.88 -18.51 25.14
N GLY B 112 -18.02 -17.92 24.80
CA GLY B 112 -18.05 -16.65 24.08
C GLY B 112 -17.91 -16.91 22.59
N ALA B 113 -18.59 -17.95 22.12
CA ALA B 113 -18.34 -18.55 20.83
C ALA B 113 -18.83 -17.66 19.68
N SER B 114 -19.73 -16.72 19.96
CA SER B 114 -20.26 -15.85 18.91
C SER B 114 -19.56 -14.49 18.95
N GLY B 115 -18.61 -14.34 19.87
CA GLY B 115 -17.75 -13.17 19.96
C GLY B 115 -16.74 -13.11 18.82
N ASP B 116 -16.16 -11.92 18.62
CA ASP B 116 -15.25 -11.68 17.52
C ASP B 116 -14.01 -12.53 17.71
N LEU B 117 -13.45 -12.56 18.92
CA LEU B 117 -12.29 -13.41 19.15
C LEU B 117 -12.57 -14.86 18.79
N ALA B 118 -13.69 -15.42 19.26
CA ALA B 118 -13.91 -16.85 19.10
C ALA B 118 -14.18 -17.18 17.63
N LYS B 119 -15.10 -16.47 16.99
CA LYS B 119 -15.48 -16.84 15.63
C LYS B 119 -14.39 -16.47 14.61
N LYS B 120 -13.64 -15.38 14.84
CA LYS B 120 -12.68 -14.96 13.81
C LYS B 120 -11.30 -15.55 14.07
N LYS B 121 -11.00 -15.95 15.32
CA LYS B 121 -9.67 -16.41 15.66
C LYS B 121 -9.67 -17.84 16.21
N THR B 122 -10.40 -18.09 17.30
CA THR B 122 -10.29 -19.38 17.96
C THR B 122 -10.78 -20.52 17.07
N PHE B 123 -11.99 -20.42 16.50
CA PHE B 123 -12.60 -21.53 15.77
C PHE B 123 -11.85 -21.80 14.47
N PRO B 124 -11.42 -20.75 13.73
CA PRO B 124 -10.60 -20.97 12.54
C PRO B 124 -9.25 -21.62 12.86
N ALA B 125 -8.65 -21.27 14.01
CA ALA B 125 -7.44 -21.95 14.44
C ALA B 125 -7.73 -23.43 14.68
N LEU B 126 -8.86 -23.75 15.33
CA LEU B 126 -9.17 -25.15 15.60
C LEU B 126 -9.40 -25.89 14.29
N PHE B 127 -9.99 -25.20 13.31
CA PHE B 127 -10.24 -25.79 12.00
C PHE B 127 -8.89 -26.15 11.37
N ASP B 128 -7.95 -25.20 11.40
CA ASP B 128 -6.59 -25.40 10.90
C ASP B 128 -5.90 -26.57 11.59
N LEU B 129 -6.00 -26.66 12.92
CA LEU B 129 -5.47 -27.81 13.62
C LEU B 129 -6.14 -29.09 13.13
N TYR B 130 -7.48 -29.04 12.95
CA TYR B 130 -8.22 -30.19 12.47
C TYR B 130 -7.67 -30.62 11.10
N CYS B 131 -7.53 -29.68 10.17
CA CYS B 131 -7.09 -29.98 8.81
C CYS B 131 -5.67 -30.56 8.83
N GLY B 132 -4.86 -30.18 9.81
CA GLY B 132 -3.48 -30.61 9.90
C GLY B 132 -3.31 -31.95 10.58
N GLY B 133 -4.43 -32.56 11.03
CA GLY B 133 -4.35 -33.85 11.70
C GLY B 133 -3.93 -33.73 13.17
N LEU B 134 -4.04 -32.52 13.74
CA LEU B 134 -3.51 -32.26 15.06
C LEU B 134 -4.59 -32.33 16.14
N LEU B 135 -5.85 -32.60 15.77
CA LEU B 135 -6.87 -32.87 16.77
C LEU B 135 -7.16 -34.37 16.75
N PRO B 136 -7.46 -35.00 17.91
CA PRO B 136 -7.88 -36.41 17.92
C PRO B 136 -9.12 -36.64 17.05
N PRO B 137 -9.24 -37.81 16.38
CA PRO B 137 -10.25 -37.99 15.35
C PRO B 137 -11.69 -37.86 15.83
N GLU B 138 -11.95 -38.20 17.09
CA GLU B 138 -13.30 -38.12 17.66
C GLU B 138 -13.45 -36.86 18.52
N VAL B 139 -12.70 -35.79 18.24
CA VAL B 139 -12.74 -34.59 19.07
C VAL B 139 -14.16 -34.04 19.06
N ASN B 140 -14.62 -33.57 20.22
CA ASN B 140 -15.85 -32.80 20.36
C ASN B 140 -15.56 -31.32 20.66
N ILE B 141 -16.15 -30.42 19.86
CA ILE B 141 -16.07 -28.99 20.07
C ILE B 141 -17.45 -28.42 20.45
N ILE B 142 -17.52 -27.60 21.51
CA ILE B 142 -18.76 -26.98 21.95
C ILE B 142 -18.57 -25.46 21.97
N GLY B 143 -19.34 -24.73 21.15
CA GLY B 143 -19.52 -23.29 21.31
C GLY B 143 -20.56 -22.97 22.38
N TYR B 144 -20.14 -22.29 23.45
CA TYR B 144 -20.97 -21.92 24.59
C TYR B 144 -21.20 -20.41 24.56
N ALA B 145 -22.47 -19.99 24.47
CA ALA B 145 -22.82 -18.57 24.47
C ALA B 145 -24.20 -18.35 25.09
N ARG B 146 -24.61 -17.07 25.20
CA ARG B 146 -25.74 -16.71 26.03
C ARG B 146 -26.99 -16.46 25.19
N THR B 147 -26.85 -16.39 23.86
CA THR B 147 -27.98 -16.07 22.99
C THR B 147 -28.63 -17.35 22.47
N LYS B 148 -29.97 -17.39 22.55
CA LYS B 148 -30.70 -18.54 22.03
C LYS B 148 -30.56 -18.52 20.51
N VAL B 149 -30.45 -19.71 19.93
CA VAL B 149 -30.25 -19.91 18.51
C VAL B 149 -31.28 -20.94 18.06
N ASP B 150 -32.16 -20.54 17.12
CA ASP B 150 -33.13 -21.41 16.49
C ASP B 150 -32.42 -22.52 15.71
N ASP B 151 -31.54 -22.12 14.78
CA ASP B 151 -30.94 -23.07 13.87
C ASP B 151 -29.43 -23.08 14.09
N VAL B 152 -28.96 -24.08 14.83
CA VAL B 152 -27.57 -24.21 15.21
C VAL B 152 -26.73 -24.50 13.96
N GLU B 153 -27.31 -25.21 12.99
CA GLU B 153 -26.61 -25.51 11.75
C GLU B 153 -26.32 -24.22 10.99
N LYS B 154 -27.31 -23.33 10.89
CA LYS B 154 -27.12 -22.03 10.27
C LYS B 154 -26.09 -21.22 11.07
N TRP B 155 -26.16 -21.29 12.40
CA TRP B 155 -25.18 -20.59 13.21
C TRP B 155 -23.80 -21.07 12.80
N LYS B 156 -23.61 -22.38 12.79
CA LYS B 156 -22.34 -22.93 12.37
C LYS B 156 -21.92 -22.31 11.04
N HIS B 157 -22.79 -22.34 10.02
CA HIS B 157 -22.35 -21.91 8.70
C HIS B 157 -22.11 -20.39 8.67
N GLU B 158 -22.97 -19.61 9.34
CA GLU B 158 -22.94 -18.14 9.21
C GLU B 158 -21.96 -17.49 10.18
N THR B 159 -21.87 -18.00 11.42
CA THR B 159 -21.04 -17.37 12.42
C THR B 159 -19.60 -17.88 12.35
N LEU B 160 -19.39 -19.19 12.11
CA LEU B 160 -18.03 -19.75 12.09
C LEU B 160 -17.49 -19.92 10.66
N MET B 161 -18.20 -20.69 9.82
CA MET B 161 -17.57 -21.21 8.61
C MET B 161 -17.18 -20.06 7.68
N LYS B 162 -17.86 -18.91 7.79
CA LYS B 162 -17.49 -17.66 7.10
C LYS B 162 -16.04 -17.25 7.34
N TYR B 163 -15.45 -17.55 8.52
CA TYR B 163 -14.11 -17.08 8.84
C TYR B 163 -13.07 -18.18 8.66
N PHE B 164 -13.48 -19.36 8.17
CA PHE B 164 -12.52 -20.42 7.89
C PHE B 164 -11.67 -20.04 6.68
N SER B 165 -10.41 -20.51 6.68
CA SER B 165 -9.52 -20.34 5.53
C SER B 165 -10.17 -20.91 4.28
N ASN B 166 -10.20 -20.09 3.22
CA ASN B 166 -10.81 -20.46 1.95
C ASN B 166 -9.84 -21.29 1.12
N LEU B 167 -8.69 -21.65 1.70
CA LEU B 167 -7.67 -22.43 0.99
C LEU B 167 -8.29 -23.71 0.48
N SER B 168 -8.10 -23.99 -0.82
CA SER B 168 -8.21 -25.35 -1.30
C SER B 168 -7.19 -26.21 -0.54
N GLU B 169 -7.57 -27.44 -0.18
CA GLU B 169 -6.85 -28.28 0.77
C GLU B 169 -7.29 -27.94 2.20
N ARG B 170 -8.37 -27.14 2.32
CA ARG B 170 -9.02 -26.86 3.60
C ARG B 170 -10.53 -26.76 3.41
N GLY B 171 -10.98 -25.87 2.52
CA GLY B 171 -12.40 -25.78 2.14
C GLY B 171 -13.12 -27.13 2.16
N CYS B 172 -12.53 -28.15 1.52
CA CYS B 172 -13.11 -29.48 1.37
C CYS B 172 -13.13 -30.27 2.67
N HIS B 173 -12.92 -29.61 3.81
CA HIS B 173 -12.99 -30.28 5.08
C HIS B 173 -13.97 -29.58 6.02
N ALA B 174 -14.50 -28.43 5.60
CA ALA B 174 -15.25 -27.56 6.50
C ALA B 174 -16.48 -28.31 7.02
N GLU B 175 -17.24 -28.92 6.10
CA GLU B 175 -18.48 -29.58 6.51
C GLU B 175 -18.16 -30.72 7.47
N ASP B 176 -17.08 -31.47 7.21
CA ASP B 176 -16.67 -32.51 8.12
C ASP B 176 -16.40 -31.92 9.51
N PHE B 177 -15.69 -30.78 9.58
CA PHE B 177 -15.31 -30.19 10.85
C PHE B 177 -16.56 -29.78 11.63
N LEU B 178 -17.51 -29.17 10.92
CA LEU B 178 -18.74 -28.68 11.54
C LEU B 178 -19.48 -29.80 12.30
N LYS B 179 -19.35 -31.05 11.83
CA LYS B 179 -19.96 -32.21 12.49
C LYS B 179 -19.40 -32.41 13.89
N HIS B 180 -18.25 -31.79 14.21
CA HIS B 180 -17.70 -31.96 15.54
C HIS B 180 -18.13 -30.81 16.43
N ILE B 181 -18.80 -29.81 15.86
CA ILE B 181 -19.17 -28.64 16.65
C ILE B 181 -20.66 -28.70 17.01
N SER B 182 -20.94 -28.46 18.30
CA SER B 182 -22.29 -28.23 18.82
C SER B 182 -22.38 -26.81 19.35
N TYR B 183 -23.59 -26.24 19.31
CA TYR B 183 -23.85 -25.01 20.02
C TYR B 183 -24.42 -25.35 21.39
N PHE B 184 -24.03 -24.61 22.42
CA PHE B 184 -24.65 -24.73 23.74
C PHE B 184 -24.97 -23.31 24.25
N CYS B 185 -26.22 -23.13 24.69
CA CYS B 185 -26.69 -21.85 25.19
C CYS B 185 -26.88 -21.94 26.70
N GLY B 186 -26.30 -20.98 27.43
CA GLY B 186 -26.34 -20.90 28.89
C GLY B 186 -25.67 -19.63 29.38
N ALA B 187 -25.79 -19.40 30.69
CA ALA B 187 -25.18 -18.25 31.37
C ALA B 187 -23.74 -18.60 31.72
N TYR B 188 -22.96 -17.60 32.17
CA TYR B 188 -21.60 -17.83 32.61
C TYR B 188 -21.49 -17.95 34.14
N ASP B 189 -22.58 -17.83 34.91
CA ASP B 189 -22.46 -17.81 36.36
C ASP B 189 -23.41 -18.79 37.05
N SER B 190 -24.24 -19.54 36.31
CA SER B 190 -25.21 -20.42 36.94
C SER B 190 -24.72 -21.87 36.96
N VAL B 191 -24.57 -22.44 38.16
CA VAL B 191 -24.03 -23.79 38.31
C VAL B 191 -24.89 -24.81 37.56
N ASP B 192 -26.21 -24.61 37.50
CA ASP B 192 -27.09 -25.56 36.85
C ASP B 192 -26.82 -25.63 35.34
N ASP B 193 -26.44 -24.49 34.72
CA ASP B 193 -26.14 -24.47 33.29
C ASP B 193 -24.88 -25.31 33.04
N PHE B 194 -23.93 -25.23 33.96
CA PHE B 194 -22.69 -25.99 33.80
C PHE B 194 -22.94 -27.47 34.02
N LYS B 195 -23.92 -27.84 34.88
CA LYS B 195 -24.30 -29.22 35.09
C LYS B 195 -25.02 -29.75 33.86
N ARG B 196 -25.80 -28.90 33.19
CA ARG B 196 -26.48 -29.25 31.96
C ARG B 196 -25.45 -29.44 30.85
N LEU B 197 -24.41 -28.60 30.88
CA LEU B 197 -23.31 -28.70 29.95
C LEU B 197 -22.57 -30.01 30.20
N ASP B 198 -22.32 -30.30 31.48
CA ASP B 198 -21.64 -31.53 31.87
C ASP B 198 -22.42 -32.72 31.35
N ALA B 199 -23.75 -32.66 31.39
CA ALA B 199 -24.50 -33.81 30.94
C ALA B 199 -24.25 -33.97 29.45
N VAL B 200 -24.26 -32.84 28.71
CA VAL B 200 -24.07 -32.86 27.26
C VAL B 200 -22.69 -33.43 26.91
N ILE B 201 -21.68 -33.09 27.71
CA ILE B 201 -20.32 -33.59 27.48
C ILE B 201 -20.26 -35.07 27.85
N ARG B 202 -20.75 -35.44 29.05
CA ARG B 202 -20.66 -36.81 29.51
C ARG B 202 -21.23 -37.73 28.45
N GLU B 203 -22.30 -37.28 27.79
CA GLU B 203 -22.94 -38.07 26.76
C GLU B 203 -21.98 -38.38 25.62
N LYS B 204 -21.22 -37.37 25.17
CA LYS B 204 -20.24 -37.56 24.09
C LYS B 204 -19.07 -38.42 24.56
N GLU B 205 -18.61 -38.20 25.80
CA GLU B 205 -17.49 -38.94 26.37
C GLU B 205 -17.79 -40.43 26.49
N ASN B 206 -19.02 -40.77 26.92
CA ASN B 206 -19.40 -42.12 27.32
C ASN B 206 -19.63 -43.01 26.10
N ALA B 207 -19.89 -42.36 24.96
CA ALA B 207 -19.95 -42.99 23.65
C ALA B 207 -18.57 -43.11 23.03
N PHE B 208 -17.51 -42.69 23.74
CA PHE B 208 -16.18 -42.72 23.16
C PHE B 208 -15.80 -44.18 22.90
N LYS B 209 -15.27 -44.45 21.69
CA LYS B 209 -15.09 -45.83 21.22
C LYS B 209 -13.67 -46.33 21.44
N GLY B 210 -12.73 -45.43 21.78
CA GLY B 210 -11.37 -45.82 22.13
C GLY B 210 -11.26 -46.36 23.56
N PRO B 211 -10.02 -46.64 24.03
CA PRO B 211 -9.76 -47.47 25.21
C PRO B 211 -10.09 -46.95 26.61
N GLU B 212 -9.75 -45.69 26.90
CA GLU B 212 -9.86 -45.14 28.24
C GLU B 212 -11.25 -44.54 28.47
N LYS B 213 -11.59 -44.30 29.74
CA LYS B 213 -12.91 -43.84 30.14
C LYS B 213 -12.84 -42.38 30.58
N GLY B 214 -14.03 -41.75 30.66
CA GLY B 214 -14.13 -40.35 30.97
C GLY B 214 -13.71 -39.51 29.77
N GLY B 215 -13.04 -38.39 30.05
CA GLY B 215 -12.58 -37.52 28.98
C GLY B 215 -11.77 -36.33 29.48
N ASN B 216 -10.96 -35.79 28.56
CA ASN B 216 -10.20 -34.58 28.79
C ASN B 216 -11.03 -33.37 28.38
N ARG B 217 -10.89 -32.28 29.15
CA ARG B 217 -11.69 -31.08 28.90
C ARG B 217 -10.77 -29.85 28.84
N LEU B 218 -10.80 -29.16 27.69
CA LEU B 218 -10.15 -27.89 27.54
C LEU B 218 -11.23 -26.82 27.43
N PHE B 219 -11.21 -25.92 28.40
CA PHE B 219 -12.12 -24.79 28.46
C PHE B 219 -11.40 -23.57 27.90
N TYR B 220 -11.96 -22.94 26.87
CA TYR B 220 -11.33 -21.77 26.29
C TYR B 220 -12.22 -20.56 26.58
N LEU B 221 -11.71 -19.65 27.40
CA LEU B 221 -12.51 -18.55 27.90
C LEU B 221 -12.25 -17.31 27.04
N ALA B 222 -12.99 -17.24 25.92
CA ALA B 222 -12.89 -16.11 25.01
C ALA B 222 -13.86 -15.03 25.47
N LEU B 223 -13.60 -14.57 26.70
CA LEU B 223 -14.50 -13.69 27.44
C LEU B 223 -13.75 -12.49 28.01
N PRO B 224 -14.48 -11.42 28.40
CA PRO B 224 -13.93 -10.36 29.23
C PRO B 224 -13.49 -10.98 30.55
N PRO B 225 -12.36 -10.54 31.12
CA PRO B 225 -11.83 -11.15 32.34
C PRO B 225 -12.75 -10.91 33.55
N SER B 226 -13.71 -9.99 33.40
CA SER B 226 -14.65 -9.73 34.46
C SER B 226 -15.49 -10.98 34.77
N VAL B 227 -15.63 -11.91 33.81
CA VAL B 227 -16.48 -13.09 34.07
C VAL B 227 -15.66 -14.34 34.33
N PHE B 228 -14.32 -14.26 34.28
CA PHE B 228 -13.45 -15.42 34.41
C PHE B 228 -13.68 -16.19 35.71
N ALA B 229 -13.73 -15.47 36.84
CA ALA B 229 -13.87 -16.10 38.14
C ALA B 229 -15.18 -16.88 38.22
N SER B 230 -16.26 -16.30 37.68
CA SER B 230 -17.56 -16.92 37.80
C SER B 230 -17.62 -18.18 36.93
N VAL B 231 -17.00 -18.14 35.73
CA VAL B 231 -16.91 -19.31 34.86
C VAL B 231 -16.06 -20.39 35.52
N CYS B 232 -14.90 -20.01 36.07
CA CYS B 232 -14.03 -21.00 36.67
C CYS B 232 -14.74 -21.68 37.86
N GLU B 233 -15.38 -20.91 38.74
CA GLU B 233 -16.11 -21.46 39.88
C GLU B 233 -17.20 -22.42 39.38
N SER B 234 -17.89 -22.02 38.32
CA SER B 234 -19.00 -22.79 37.78
C SER B 234 -18.50 -24.11 37.20
N ILE B 235 -17.35 -24.06 36.55
CA ILE B 235 -16.70 -25.27 36.05
C ILE B 235 -16.33 -26.14 37.25
N HIS B 236 -15.74 -25.54 38.28
CA HIS B 236 -15.27 -26.31 39.42
C HIS B 236 -16.44 -27.08 40.06
N LYS B 237 -17.62 -26.48 40.09
CA LYS B 237 -18.78 -27.07 40.74
C LYS B 237 -19.58 -27.98 39.80
N GLY B 238 -19.48 -27.80 38.49
CA GLY B 238 -20.54 -28.24 37.61
C GLY B 238 -20.11 -29.12 36.46
N ALA B 239 -18.88 -28.94 35.94
CA ALA B 239 -18.46 -29.72 34.79
C ALA B 239 -16.95 -29.97 34.77
N MET B 240 -16.37 -30.26 35.92
CA MET B 240 -15.06 -30.89 35.98
C MET B 240 -15.12 -32.26 35.30
N PRO B 241 -13.99 -32.74 34.71
CA PRO B 241 -13.95 -34.08 34.12
C PRO B 241 -14.42 -35.20 35.07
N GLN B 242 -14.81 -36.33 34.48
CA GLN B 242 -15.31 -37.46 35.27
C GLN B 242 -14.18 -38.02 36.12
N GLU B 243 -14.53 -38.44 37.35
CA GLU B 243 -13.58 -38.96 38.32
C GLU B 243 -12.77 -40.11 37.71
N VAL B 244 -13.42 -40.95 36.90
CA VAL B 244 -12.81 -42.12 36.30
C VAL B 244 -11.57 -41.73 35.48
N GLY B 245 -11.55 -40.53 34.92
CA GLY B 245 -10.35 -40.09 34.22
C GLY B 245 -10.59 -38.85 33.36
N GLY B 246 -9.50 -38.11 33.14
CA GLY B 246 -9.49 -36.97 32.25
C GLY B 246 -8.89 -35.74 32.93
N TRP B 247 -8.11 -34.94 32.21
CA TRP B 247 -7.63 -33.70 32.80
C TRP B 247 -8.56 -32.54 32.44
N VAL B 248 -8.33 -31.43 33.16
CA VAL B 248 -9.01 -30.18 32.95
C VAL B 248 -7.93 -29.14 32.70
N ARG B 249 -8.04 -28.44 31.55
CA ARG B 249 -7.22 -27.28 31.27
C ARG B 249 -8.11 -26.11 30.85
N VAL B 250 -7.67 -24.90 31.22
CA VAL B 250 -8.41 -23.66 31.08
C VAL B 250 -7.48 -22.62 30.48
N ILE B 251 -7.81 -22.20 29.26
CA ILE B 251 -7.11 -21.11 28.62
C ILE B 251 -7.88 -19.83 28.85
N ILE B 252 -7.20 -18.79 29.36
CA ILE B 252 -7.77 -17.47 29.57
C ILE B 252 -7.03 -16.42 28.74
N GLU B 253 -7.82 -15.45 28.26
CA GLU B 253 -7.37 -14.38 27.38
C GLU B 253 -6.99 -13.14 28.18
N LYS B 254 -6.16 -12.29 27.57
CA LYS B 254 -5.82 -11.02 28.20
C LYS B 254 -7.04 -10.09 28.15
N PRO B 255 -7.09 -8.97 28.91
CA PRO B 255 -6.05 -8.59 29.86
C PRO B 255 -5.99 -9.42 31.14
N PHE B 256 -4.78 -9.66 31.64
CA PHE B 256 -4.60 -10.23 32.96
C PHE B 256 -4.43 -9.06 33.93
N GLY B 257 -5.54 -8.40 34.25
CA GLY B 257 -5.47 -7.22 35.06
C GLY B 257 -4.82 -6.09 34.28
N ARG B 258 -4.55 -5.00 34.98
CA ARG B 258 -4.06 -3.79 34.34
C ARG B 258 -3.01 -3.10 35.21
N ASP B 259 -2.48 -3.83 36.22
CA ASP B 259 -1.47 -3.38 37.16
C ASP B 259 -1.24 -4.47 38.22
N THR B 260 -0.21 -4.29 39.04
CA THR B 260 0.19 -5.31 40.00
C THR B 260 -1.02 -5.78 40.81
N LYS B 261 -1.80 -4.81 41.28
CA LYS B 261 -2.85 -5.05 42.26
C LYS B 261 -4.02 -5.78 41.59
N SER B 262 -4.54 -5.23 40.50
CA SER B 262 -5.67 -5.83 39.81
C SER B 262 -5.33 -7.25 39.34
N SER B 263 -4.10 -7.43 38.87
CA SER B 263 -3.64 -8.70 38.32
C SER B 263 -3.56 -9.73 39.44
N ALA B 264 -2.93 -9.37 40.57
CA ALA B 264 -2.83 -10.32 41.67
C ALA B 264 -4.22 -10.69 42.21
N GLU B 265 -5.13 -9.72 42.29
CA GLU B 265 -6.50 -10.00 42.74
C GLU B 265 -7.15 -11.03 41.83
N LEU B 266 -6.88 -10.93 40.51
CA LEU B 266 -7.46 -11.86 39.55
C LEU B 266 -6.86 -13.24 39.79
N SER B 267 -5.55 -13.34 39.99
CA SER B 267 -4.91 -14.62 40.22
C SER B 267 -5.45 -15.31 41.46
N GLN B 268 -5.79 -14.53 42.49
CA GLN B 268 -6.35 -15.08 43.72
C GLN B 268 -7.81 -15.49 43.56
N ALA B 269 -8.51 -14.90 42.57
CA ALA B 269 -9.87 -15.29 42.28
C ALA B 269 -9.90 -16.64 41.56
N LEU B 270 -8.81 -17.04 40.88
CA LEU B 270 -8.85 -18.24 40.06
C LEU B 270 -8.14 -19.42 40.71
N GLU B 271 -7.19 -19.15 41.60
CA GLU B 271 -6.35 -20.22 42.12
C GLU B 271 -7.11 -21.22 43.00
N PRO B 272 -8.29 -20.93 43.60
CA PRO B 272 -9.05 -21.99 44.28
C PRO B 272 -9.57 -23.06 43.33
N PHE B 273 -9.63 -22.73 42.03
CA PHE B 273 -10.27 -23.62 41.08
C PHE B 273 -9.23 -24.30 40.19
N PHE B 274 -8.20 -23.56 39.75
CA PHE B 274 -7.23 -24.13 38.84
C PHE B 274 -5.81 -23.74 39.25
N ASP B 275 -4.92 -24.74 39.25
CA ASP B 275 -3.54 -24.52 39.59
C ASP B 275 -2.79 -24.17 38.32
N GLU B 276 -1.46 -24.02 38.43
CA GLU B 276 -0.68 -23.51 37.32
C GLU B 276 -0.30 -24.61 36.34
N SER B 277 -0.69 -25.85 36.62
CA SER B 277 -0.61 -26.90 35.62
C SER B 277 -1.90 -26.97 34.81
N GLN B 278 -2.97 -26.31 35.28
CA GLN B 278 -4.25 -26.37 34.61
C GLN B 278 -4.54 -25.06 33.88
N LEU B 279 -3.88 -23.99 34.32
CA LEU B 279 -4.24 -22.65 33.87
C LEU B 279 -3.21 -22.19 32.85
N TYR B 280 -3.71 -21.77 31.69
CA TYR B 280 -2.92 -21.35 30.55
C TYR B 280 -3.32 -19.94 30.14
N ARG B 281 -2.46 -18.97 30.48
CA ARG B 281 -2.69 -17.58 30.10
C ARG B 281 -2.04 -17.35 28.76
N ILE B 282 -2.87 -17.15 27.72
CA ILE B 282 -2.38 -17.23 26.35
C ILE B 282 -1.96 -15.84 25.88
N ASP B 283 -0.79 -15.83 25.23
CA ASP B 283 -0.26 -14.69 24.48
C ASP B 283 -0.28 -15.15 23.03
N HIS B 284 -1.23 -14.61 22.24
CA HIS B 284 -1.50 -15.11 20.91
C HIS B 284 -0.25 -15.02 20.03
N TYR B 285 0.59 -14.03 20.29
CA TYR B 285 1.64 -13.67 19.35
C TYR B 285 2.90 -14.51 19.53
N LEU B 286 3.07 -15.23 20.65
CA LEU B 286 4.32 -15.92 20.89
C LEU B 286 4.39 -17.26 20.14
N GLY B 287 5.08 -17.29 19.00
CA GLY B 287 5.20 -18.51 18.22
C GLY B 287 6.27 -19.48 18.73
N LYS B 288 6.09 -20.78 18.45
CA LYS B 288 7.02 -21.83 18.82
C LYS B 288 8.35 -21.66 18.10
N GLU B 289 8.26 -21.23 16.85
CA GLU B 289 9.41 -21.13 15.97
C GLU B 289 10.34 -20.04 16.48
N MET B 290 9.77 -18.90 16.89
CA MET B 290 10.58 -17.84 17.49
C MET B 290 11.22 -18.36 18.78
N VAL B 291 10.45 -19.06 19.64
CA VAL B 291 10.98 -19.47 20.92
C VAL B 291 12.16 -20.43 20.72
N GLN B 292 12.07 -21.33 19.75
CA GLN B 292 13.17 -22.24 19.50
C GLN B 292 14.38 -21.47 18.97
N ASN B 293 14.14 -20.45 18.15
CA ASN B 293 15.24 -19.64 17.64
C ASN B 293 15.99 -19.03 18.82
N ILE B 294 15.23 -18.50 19.79
CA ILE B 294 15.77 -17.88 20.98
C ILE B 294 16.54 -18.89 21.84
N ILE B 295 15.99 -20.09 22.05
CA ILE B 295 16.50 -20.99 23.08
C ILE B 295 17.63 -21.85 22.51
N THR B 296 17.43 -22.39 21.30
CA THR B 296 18.30 -23.44 20.79
C THR B 296 19.59 -22.82 20.23
N THR B 297 19.45 -21.75 19.45
CA THR B 297 20.58 -21.16 18.77
C THR B 297 21.64 -20.79 19.80
N ARG B 298 21.19 -20.25 20.94
CA ARG B 298 22.06 -19.87 22.04
C ARG B 298 22.58 -21.11 22.79
N PHE B 299 21.68 -21.86 23.43
CA PHE B 299 22.07 -22.78 24.49
C PHE B 299 22.74 -24.05 23.96
N ALA B 300 22.54 -24.33 22.66
CA ALA B 300 23.07 -25.54 22.06
C ALA B 300 24.48 -25.33 21.51
N ASN B 301 24.92 -24.07 21.48
CA ASN B 301 26.10 -23.64 20.73
C ASN B 301 27.05 -22.87 21.65
N ARG B 302 28.31 -23.30 21.66
CA ARG B 302 29.33 -22.59 22.40
C ARG B 302 29.48 -21.17 21.87
N ILE B 303 29.49 -21.01 20.55
CA ILE B 303 29.81 -19.73 19.95
C ILE B 303 28.78 -18.68 20.35
N PHE B 304 27.49 -19.03 20.35
CA PHE B 304 26.45 -18.09 20.70
C PHE B 304 26.32 -17.95 22.21
N SER B 305 26.52 -19.05 22.95
CA SER B 305 26.42 -18.96 24.40
C SER B 305 27.50 -18.00 24.92
N ALA B 306 28.69 -18.05 24.31
CA ALA B 306 29.86 -17.37 24.84
C ALA B 306 29.70 -15.84 24.76
N VAL B 307 28.96 -15.37 23.75
CA VAL B 307 28.82 -13.94 23.50
C VAL B 307 27.51 -13.38 24.05
N TRP B 308 26.73 -14.21 24.75
CA TRP B 308 25.38 -13.84 25.11
C TRP B 308 25.39 -13.17 26.47
N ASN B 309 26.08 -12.02 26.55
CA ASN B 309 26.33 -11.37 27.81
C ASN B 309 26.83 -9.94 27.58
N ALA B 310 26.94 -9.23 28.72
CA ALA B 310 27.36 -7.84 28.84
C ALA B 310 28.75 -7.57 28.27
N SER B 311 29.62 -8.60 28.25
CA SER B 311 30.99 -8.42 27.81
C SER B 311 31.00 -8.20 26.30
N ASN B 312 29.94 -8.66 25.59
CA ASN B 312 29.99 -8.68 24.14
C ASN B 312 28.85 -7.91 23.46
N ILE B 313 27.74 -7.61 24.17
CA ILE B 313 26.54 -7.08 23.51
C ILE B 313 26.41 -5.61 23.86
N ALA B 314 26.20 -4.78 22.83
CA ALA B 314 26.06 -3.34 23.05
C ALA B 314 24.61 -3.01 23.40
N CYS B 315 23.65 -3.60 22.67
CA CYS B 315 22.24 -3.34 22.97
C CYS B 315 21.33 -4.44 22.41
N VAL B 316 20.18 -4.55 23.05
CA VAL B 316 19.16 -5.49 22.65
C VAL B 316 17.84 -4.73 22.50
N GLN B 317 17.28 -4.80 21.28
CA GLN B 317 15.98 -4.21 20.97
C GLN B 317 14.97 -5.30 20.59
N ILE B 318 13.80 -5.25 21.22
CA ILE B 318 12.66 -6.08 20.86
C ILE B 318 11.53 -5.19 20.30
N THR B 319 11.16 -5.42 19.03
CA THR B 319 10.31 -4.52 18.28
C THR B 319 9.00 -5.20 17.87
N PHE B 320 7.88 -4.49 18.07
CA PHE B 320 6.58 -4.94 17.58
C PHE B 320 5.86 -3.77 16.90
N LYS B 321 5.73 -3.89 15.57
CA LYS B 321 5.19 -2.84 14.71
C LYS B 321 4.03 -3.36 13.86
N GLU B 322 2.95 -2.57 13.84
CA GLU B 322 1.80 -2.82 12.98
C GLU B 322 1.52 -1.56 12.17
N THR B 323 0.96 -1.77 10.98
CA THR B 323 0.51 -0.68 10.13
C THR B 323 -0.92 -0.28 10.47
N ILE B 324 -1.70 -1.21 11.02
CA ILE B 324 -3.09 -0.95 11.35
C ILE B 324 -3.18 -0.02 12.56
N GLY B 325 -4.26 0.80 12.54
CA GLY B 325 -4.70 1.59 13.68
C GLY B 325 -5.58 0.79 14.65
N THR B 326 -6.39 1.53 15.41
CA THR B 326 -7.34 0.94 16.34
C THR B 326 -8.64 0.55 15.65
N GLU B 327 -8.79 0.93 14.37
CA GLU B 327 -9.89 0.47 13.53
C GLU B 327 -11.22 0.66 14.26
N GLY B 328 -11.48 1.91 14.66
CA GLY B 328 -12.76 2.31 15.21
C GLY B 328 -13.11 1.66 16.54
N ARG B 329 -12.18 0.89 17.14
CA ARG B 329 -12.34 0.36 18.50
C ARG B 329 -11.44 1.13 19.46
N GLY B 330 -11.25 2.43 19.19
CA GLY B 330 -10.42 3.28 20.02
C GLY B 330 -10.94 3.33 21.46
N GLY B 331 -12.25 3.47 21.62
CA GLY B 331 -12.84 3.54 22.95
C GLY B 331 -12.30 2.44 23.87
N TYR B 332 -12.23 1.20 23.37
CA TYR B 332 -11.70 0.06 24.10
C TYR B 332 -10.19 0.21 24.38
N PHE B 333 -9.40 0.45 23.32
CA PHE B 333 -7.97 0.67 23.42
C PHE B 333 -7.63 1.77 24.44
N ASP B 334 -8.47 2.81 24.51
CA ASP B 334 -8.16 4.02 25.27
C ASP B 334 -7.98 3.75 26.75
N SER B 335 -8.66 2.72 27.29
CA SER B 335 -8.49 2.40 28.69
C SER B 335 -7.28 1.48 28.89
N ILE B 336 -6.63 1.04 27.78
CA ILE B 336 -5.58 0.02 27.86
C ILE B 336 -4.24 0.62 27.48
N GLY B 337 -4.13 1.13 26.23
CA GLY B 337 -2.89 1.74 25.77
C GLY B 337 -1.84 0.68 25.42
N ILE B 338 -0.83 1.09 24.66
CA ILE B 338 0.08 0.17 24.00
C ILE B 338 0.89 -0.63 25.03
N ILE B 339 1.18 -0.04 26.21
CA ILE B 339 2.10 -0.66 27.15
C ILE B 339 1.43 -1.90 27.75
N ARG B 340 0.18 -1.77 28.21
CA ARG B 340 -0.55 -2.93 28.72
C ARG B 340 -0.90 -3.85 27.56
N ASP B 341 -1.14 -3.31 26.35
CA ASP B 341 -1.66 -4.11 25.26
C ASP B 341 -0.67 -5.20 24.82
N VAL B 342 0.58 -4.84 24.54
CA VAL B 342 1.55 -5.80 24.02
C VAL B 342 2.91 -5.82 24.74
N MET B 343 3.23 -4.87 25.62
CA MET B 343 4.60 -4.71 26.11
C MET B 343 4.77 -5.43 27.45
N GLN B 344 3.90 -5.13 28.41
CA GLN B 344 3.95 -5.79 29.72
C GLN B 344 3.71 -7.30 29.61
N ASN B 345 2.98 -7.72 28.57
CA ASN B 345 2.70 -9.14 28.36
C ASN B 345 3.61 -9.73 27.28
N HIS B 346 3.45 -9.32 26.03
CA HIS B 346 4.08 -10.03 24.93
C HIS B 346 5.60 -9.78 24.85
N LEU B 347 6.01 -8.52 24.79
CA LEU B 347 7.42 -8.24 24.63
C LEU B 347 8.23 -8.69 25.85
N THR B 348 7.66 -8.58 27.06
CA THR B 348 8.32 -8.99 28.28
C THR B 348 8.59 -10.51 28.29
N GLN B 349 7.70 -11.32 27.70
CA GLN B 349 7.92 -12.76 27.65
C GLN B 349 9.08 -13.03 26.70
N ILE B 350 9.11 -12.33 25.56
CA ILE B 350 10.24 -12.48 24.66
C ILE B 350 11.53 -12.09 25.40
N LEU B 351 11.48 -11.00 26.17
CA LEU B 351 12.66 -10.54 26.87
C LEU B 351 13.11 -11.62 27.83
N ALA B 352 12.17 -12.21 28.59
CA ALA B 352 12.55 -13.20 29.58
C ALA B 352 13.29 -14.36 28.91
N LEU B 353 12.75 -14.85 27.79
CA LEU B 353 13.33 -16.01 27.11
C LEU B 353 14.71 -15.67 26.58
N LEU B 354 14.88 -14.44 26.12
CA LEU B 354 16.13 -13.97 25.52
C LEU B 354 17.22 -13.76 26.58
N ALA B 355 16.81 -13.36 27.78
CA ALA B 355 17.74 -12.88 28.79
C ALA B 355 17.98 -13.90 29.90
N MET B 356 17.19 -15.00 29.95
CA MET B 356 17.20 -15.92 31.09
C MET B 356 18.58 -16.58 31.21
N GLU B 357 18.88 -17.12 32.40
CA GLU B 357 20.03 -18.00 32.55
C GLU B 357 19.68 -19.37 31.97
N LYS B 358 20.70 -20.22 31.89
CA LYS B 358 20.53 -21.55 31.34
C LYS B 358 19.53 -22.31 32.20
N PRO B 359 18.49 -22.94 31.63
CA PRO B 359 17.59 -23.76 32.42
C PRO B 359 18.24 -25.08 32.84
N ARG B 360 17.84 -25.56 34.03
CA ARG B 360 18.34 -26.81 34.60
C ARG B 360 18.03 -27.97 33.63
N SER B 361 16.94 -27.86 32.86
CA SER B 361 16.67 -28.71 31.72
C SER B 361 15.72 -28.00 30.76
N LEU B 362 15.36 -28.65 29.66
CA LEU B 362 14.45 -28.05 28.71
C LEU B 362 12.99 -28.35 29.02
N ASP B 363 12.71 -28.87 30.23
CA ASP B 363 11.34 -29.00 30.74
C ASP B 363 10.69 -27.62 30.90
N ALA B 364 9.37 -27.59 30.66
CA ALA B 364 8.58 -26.38 30.64
C ALA B 364 8.75 -25.56 31.91
N GLU B 365 8.60 -26.20 33.07
CA GLU B 365 8.65 -25.46 34.32
C GLU B 365 10.08 -25.04 34.65
N CYS B 366 11.11 -25.72 34.11
CA CYS B 366 12.46 -25.24 34.31
C CYS B 366 12.69 -23.94 33.54
N ILE B 367 12.15 -23.87 32.30
CA ILE B 367 12.22 -22.65 31.52
C ILE B 367 11.44 -21.54 32.21
N ARG B 368 10.23 -21.87 32.67
CA ARG B 368 9.42 -20.89 33.36
C ARG B 368 10.13 -20.39 34.62
N ASP B 369 10.86 -21.27 35.32
CA ASP B 369 11.59 -20.84 36.51
C ASP B 369 12.61 -19.76 36.17
N GLU B 370 13.27 -19.90 35.00
CA GLU B 370 14.32 -18.96 34.61
C GLU B 370 13.73 -17.66 34.09
N LYS B 371 12.59 -17.74 33.39
CA LYS B 371 11.86 -16.55 32.98
C LYS B 371 11.58 -15.72 34.23
N VAL B 372 11.05 -16.32 35.27
CA VAL B 372 10.81 -15.61 36.53
C VAL B 372 12.11 -15.06 37.11
N SER B 373 13.20 -15.84 37.12
CA SER B 373 14.38 -15.39 37.84
C SER B 373 14.91 -14.12 37.20
N VAL B 374 14.89 -14.06 35.88
CA VAL B 374 15.49 -12.91 35.22
C VAL B 374 14.61 -11.68 35.36
N LEU B 375 13.29 -11.85 35.26
CA LEU B 375 12.38 -10.72 35.40
C LEU B 375 12.55 -10.11 36.79
N LYS B 376 12.82 -10.95 37.80
CA LYS B 376 12.99 -10.45 39.16
C LYS B 376 14.23 -9.58 39.30
N CYS B 377 15.14 -9.60 38.30
CA CYS B 377 16.33 -8.77 38.33
C CYS B 377 16.09 -7.38 37.72
N ILE B 378 14.94 -7.18 37.08
CA ILE B 378 14.75 -6.00 36.26
C ILE B 378 14.22 -4.86 37.14
N GLU B 379 14.85 -3.69 37.05
CA GLU B 379 14.41 -2.52 37.79
C GLU B 379 13.08 -2.00 37.22
N PRO B 380 12.12 -1.49 38.03
CA PRO B 380 10.94 -0.79 37.52
C PRO B 380 11.26 0.34 36.55
N ILE B 381 10.53 0.39 35.41
CA ILE B 381 10.88 1.31 34.33
C ILE B 381 10.59 2.72 34.83
N THR B 382 11.51 3.66 34.55
CA THR B 382 11.33 5.06 34.89
C THR B 382 10.72 5.83 33.71
N LYS B 383 10.05 6.93 34.01
CA LYS B 383 9.41 7.73 32.98
C LYS B 383 10.46 8.37 32.07
N GLU B 384 11.67 8.57 32.60
CA GLU B 384 12.77 9.18 31.88
C GLU B 384 13.35 8.22 30.86
N ASN B 385 12.97 6.94 30.99
CA ASN B 385 13.39 5.91 30.06
C ASN B 385 12.21 5.46 29.18
N CYS B 386 11.25 6.36 28.93
CA CYS B 386 10.06 6.04 28.14
C CYS B 386 9.74 7.21 27.23
N VAL B 387 9.49 6.92 25.94
CA VAL B 387 8.98 7.90 24.98
C VAL B 387 7.68 7.37 24.41
N LEU B 388 6.60 8.16 24.53
CA LEU B 388 5.26 7.85 24.05
C LEU B 388 4.88 8.61 22.78
N GLY B 389 4.04 7.95 21.98
CA GLY B 389 3.42 8.57 20.81
C GLY B 389 1.93 8.28 20.72
N GLN B 390 1.22 9.16 20.00
CA GLN B 390 -0.15 8.95 19.60
C GLN B 390 -0.31 9.29 18.12
N TYR B 391 -0.84 8.36 17.32
CA TYR B 391 -0.87 8.57 15.87
C TYR B 391 -1.95 9.59 15.49
N THR B 392 -1.66 10.38 14.44
CA THR B 392 -2.64 11.20 13.75
C THR B 392 -2.88 10.62 12.36
N ALA B 393 -3.83 11.21 11.63
CA ALA B 393 -4.29 10.63 10.39
C ALA B 393 -3.13 10.34 9.44
N SER B 394 -3.21 9.23 8.71
CA SER B 394 -2.27 8.95 7.65
C SER B 394 -2.43 9.98 6.54
N ALA B 395 -1.39 10.07 5.71
CA ALA B 395 -1.35 10.94 4.55
C ALA B 395 -2.56 10.72 3.63
N ASP B 396 -2.96 9.46 3.41
CA ASP B 396 -4.03 9.17 2.47
C ASP B 396 -5.37 9.01 3.19
N GLY B 397 -5.36 9.14 4.52
CA GLY B 397 -6.57 9.21 5.32
C GLY B 397 -7.17 7.83 5.56
N SER B 398 -6.55 6.78 4.99
CA SER B 398 -7.04 5.42 5.15
C SER B 398 -7.02 4.99 6.62
N ILE B 399 -6.12 5.60 7.41
CA ILE B 399 -6.13 5.49 8.86
C ILE B 399 -6.51 6.85 9.45
N PRO B 400 -7.76 7.05 9.92
CA PRO B 400 -8.10 8.29 10.63
C PRO B 400 -7.23 8.44 11.87
N GLY B 401 -7.01 9.67 12.32
CA GLY B 401 -6.26 9.88 13.54
C GLY B 401 -6.91 9.17 14.72
N TYR B 402 -6.11 8.81 15.72
CA TYR B 402 -6.58 8.13 16.91
C TYR B 402 -7.69 8.96 17.55
N LEU B 403 -7.51 10.28 17.59
CA LEU B 403 -8.46 11.16 18.24
C LEU B 403 -9.65 11.46 17.32
N GLU B 404 -9.63 11.09 16.03
CA GLU B 404 -10.78 11.35 15.15
C GLU B 404 -11.92 10.37 15.46
N ASP B 405 -11.57 9.18 15.98
CA ASP B 405 -12.56 8.22 16.45
C ASP B 405 -13.42 8.87 17.55
N VAL B 406 -14.73 8.95 17.31
CA VAL B 406 -15.65 9.65 18.21
C VAL B 406 -15.79 8.89 19.53
N THR B 407 -15.56 7.55 19.51
CA THR B 407 -15.57 6.71 20.70
C THR B 407 -14.34 6.95 21.56
N VAL B 408 -13.39 7.75 21.07
CA VAL B 408 -12.28 8.19 21.89
C VAL B 408 -12.68 9.49 22.55
N PRO B 409 -12.55 9.62 23.89
CA PRO B 409 -12.95 10.84 24.59
C PRO B 409 -11.97 11.97 24.33
N GLU B 410 -12.52 13.17 24.16
CA GLU B 410 -11.75 14.38 23.99
C GLU B 410 -10.68 14.46 25.08
N GLY B 411 -9.45 14.80 24.68
CA GLY B 411 -8.38 14.98 25.65
C GLY B 411 -7.61 13.69 25.94
N SER B 412 -7.73 12.68 25.07
CA SER B 412 -7.09 11.40 25.33
C SER B 412 -5.59 11.55 25.15
N THR B 413 -4.85 11.07 26.14
CA THR B 413 -3.41 11.00 26.00
C THR B 413 -3.00 9.53 26.00
N CYS B 414 -3.89 8.66 25.55
CA CYS B 414 -3.54 7.27 25.47
C CYS B 414 -2.40 7.06 24.47
N PRO B 415 -1.31 6.35 24.82
CA PRO B 415 -0.25 6.06 23.86
C PRO B 415 -0.57 4.92 22.90
N THR B 416 -0.36 5.15 21.60
CA THR B 416 -0.47 4.11 20.59
C THR B 416 0.91 3.58 20.19
N PHE B 417 1.94 4.17 20.81
CA PHE B 417 3.34 3.97 20.49
C PHE B 417 4.12 4.18 21.77
N ALA B 418 5.13 3.34 21.98
CA ALA B 418 6.01 3.51 23.11
C ALA B 418 7.36 2.84 22.82
N VAL B 419 8.42 3.53 23.25
CA VAL B 419 9.77 3.00 23.32
C VAL B 419 10.30 3.24 24.73
N MET B 420 10.96 2.22 25.30
CA MET B 420 11.43 2.34 26.66
C MET B 420 12.67 1.47 26.85
N ARG B 421 13.44 1.76 27.90
CA ARG B 421 14.62 0.99 28.25
C ARG B 421 14.45 0.36 29.63
N LEU B 422 14.74 -0.94 29.69
CA LEU B 422 14.71 -1.77 30.89
C LEU B 422 16.15 -2.03 31.29
N ASN B 423 16.41 -2.08 32.61
CA ASN B 423 17.73 -2.42 33.11
C ASN B 423 17.64 -3.73 33.88
N ILE B 424 18.35 -4.73 33.36
CA ILE B 424 18.46 -6.04 33.98
C ILE B 424 19.72 -6.04 34.83
N ASN B 425 19.53 -5.98 36.15
CA ASN B 425 20.63 -5.84 37.07
C ASN B 425 21.10 -7.24 37.51
N ASN B 426 21.91 -7.89 36.66
CA ASN B 426 22.56 -9.11 37.06
C ASN B 426 23.92 -9.22 36.37
N ASP B 427 24.67 -10.28 36.70
CA ASP B 427 26.03 -10.43 36.21
C ASP B 427 26.04 -10.44 34.68
N ARG B 428 25.05 -11.13 34.09
CA ARG B 428 25.04 -11.35 32.66
C ARG B 428 24.76 -10.04 31.90
N TRP B 429 23.98 -9.14 32.53
CA TRP B 429 23.29 -8.10 31.79
C TRP B 429 23.52 -6.69 32.35
N ALA B 430 24.18 -6.53 33.50
CA ALA B 430 24.46 -5.21 34.05
C ALA B 430 25.02 -4.29 32.97
N GLY B 431 24.32 -3.17 32.69
CA GLY B 431 24.81 -2.11 31.82
C GLY B 431 24.38 -2.26 30.36
N VAL B 432 23.76 -3.40 30.00
CA VAL B 432 23.26 -3.64 28.66
C VAL B 432 21.87 -3.02 28.55
N PRO B 433 21.66 -2.01 27.68
CA PRO B 433 20.31 -1.49 27.39
C PRO B 433 19.42 -2.50 26.66
N PHE B 434 18.24 -2.79 27.25
CA PHE B 434 17.18 -3.51 26.57
C PHE B 434 16.09 -2.53 26.18
N ILE B 435 15.80 -2.46 24.88
CA ILE B 435 14.77 -1.55 24.39
C ILE B 435 13.57 -2.38 23.96
N LEU B 436 12.40 -2.02 24.50
CA LEU B 436 11.13 -2.50 23.96
C LEU B 436 10.52 -1.38 23.14
N LYS B 437 10.06 -1.73 21.93
CA LYS B 437 9.40 -0.78 21.07
C LYS B 437 8.13 -1.43 20.54
N ALA B 438 6.99 -0.74 20.70
CA ALA B 438 5.76 -1.17 20.06
C ALA B 438 4.99 0.03 19.53
N GLY B 439 4.27 -0.20 18.44
CA GLY B 439 3.59 0.88 17.79
C GLY B 439 2.50 0.40 16.85
N LYS B 440 1.34 1.06 16.98
CA LYS B 440 0.28 1.01 16.00
C LYS B 440 0.49 2.09 14.95
N ALA B 441 -0.12 1.89 13.78
CA ALA B 441 -0.16 2.90 12.72
C ALA B 441 1.25 3.42 12.38
N VAL B 442 2.25 2.53 12.34
CA VAL B 442 3.57 2.91 11.88
C VAL B 442 3.79 2.34 10.46
N GLU B 443 5.04 2.18 10.03
CA GLU B 443 5.37 2.19 8.60
C GLU B 443 5.51 0.79 8.02
N GLN B 444 5.54 -0.24 8.87
CA GLN B 444 5.49 -1.62 8.39
C GLN B 444 5.05 -2.55 9.51
N LYS B 445 4.52 -3.70 9.12
CA LYS B 445 4.20 -4.75 10.06
C LYS B 445 5.47 -5.57 10.26
N TYR B 446 5.89 -5.73 11.51
CA TYR B 446 7.22 -6.26 11.77
C TYR B 446 7.38 -6.57 13.26
N VAL B 447 7.92 -7.77 13.54
CA VAL B 447 8.28 -8.20 14.87
C VAL B 447 9.66 -8.87 14.83
N ALA B 448 10.61 -8.31 15.59
CA ALA B 448 11.95 -8.87 15.61
C ALA B 448 12.70 -8.48 16.89
N ILE B 449 13.63 -9.35 17.26
CA ILE B 449 14.71 -9.09 18.19
C ILE B 449 15.96 -8.70 17.39
N ARG B 450 16.58 -7.60 17.79
CA ARG B 450 17.87 -7.20 17.24
C ARG B 450 18.90 -7.07 18.37
N ILE B 451 19.89 -7.96 18.31
CA ILE B 451 21.04 -7.92 19.21
C ILE B 451 22.20 -7.28 18.47
N GLN B 452 22.66 -6.15 18.98
CA GLN B 452 23.82 -5.51 18.38
C GLN B 452 25.02 -5.75 19.30
N PHE B 453 26.06 -6.37 18.74
CA PHE B 453 27.24 -6.71 19.52
C PHE B 453 28.18 -5.51 19.56
N ARG B 454 29.13 -5.50 20.51
CA ARG B 454 30.11 -4.43 20.56
C ARG B 454 30.99 -4.37 19.32
N ASP B 455 31.46 -3.17 18.99
CA ASP B 455 32.32 -2.99 17.84
C ASP B 455 33.73 -3.47 18.18
N GLU B 456 34.47 -3.92 17.15
CA GLU B 456 35.91 -4.08 17.21
C GLU B 456 36.57 -2.88 16.56
N VAL B 457 36.84 -1.84 17.35
CA VAL B 457 37.43 -0.60 16.84
C VAL B 457 38.73 -0.94 16.11
N HIS B 458 39.62 -1.68 16.79
CA HIS B 458 40.89 -2.13 16.23
C HIS B 458 40.85 -3.60 15.84
N PRO B 459 41.49 -4.00 14.73
CA PRO B 459 42.21 -3.07 13.85
C PRO B 459 41.47 -2.50 12.65
N TYR B 460 40.23 -2.95 12.42
CA TYR B 460 39.55 -2.71 11.15
C TYR B 460 39.00 -1.28 11.07
N GLY B 461 38.76 -0.64 12.23
CA GLY B 461 38.19 0.71 12.27
C GLY B 461 36.91 0.83 11.44
N GLU B 462 36.94 1.73 10.45
CA GLU B 462 35.77 2.05 9.64
C GLU B 462 35.52 0.93 8.62
N ALA B 463 36.48 0.01 8.46
CA ALA B 463 36.28 -1.08 7.53
C ALA B 463 35.51 -2.23 8.20
N THR B 464 35.06 -2.03 9.45
CA THR B 464 34.11 -2.95 10.05
C THR B 464 33.02 -2.16 10.78
N GLN B 465 31.97 -2.88 11.16
CA GLN B 465 30.94 -2.35 12.03
C GLN B 465 30.38 -3.48 12.90
N ARG B 466 29.53 -3.08 13.85
CA ARG B 466 29.00 -3.96 14.87
C ARG B 466 28.28 -5.17 14.28
N ASN B 467 28.60 -6.37 14.78
CA ASN B 467 27.86 -7.56 14.40
C ASN B 467 26.45 -7.47 15.00
N GLU B 468 25.54 -8.27 14.42
CA GLU B 468 24.15 -8.28 14.84
C GLU B 468 23.57 -9.68 14.72
N LEU B 469 22.68 -10.02 15.65
CA LEU B 469 21.87 -11.21 15.51
C LEU B 469 20.42 -10.74 15.45
N VAL B 470 19.74 -11.13 14.36
CA VAL B 470 18.34 -10.82 14.16
C VAL B 470 17.52 -12.09 14.16
N ILE B 471 16.49 -12.10 15.02
CA ILE B 471 15.45 -13.12 15.01
C ILE B 471 14.13 -12.41 14.72
N ARG B 472 13.62 -12.61 13.51
CA ARG B 472 12.42 -11.93 13.05
C ARG B 472 11.31 -12.96 12.92
N ALA B 473 10.11 -12.61 13.37
CA ALA B 473 8.93 -13.45 13.23
C ALA B 473 7.98 -12.93 12.16
N GLN B 474 7.84 -11.60 12.05
CA GLN B 474 6.94 -10.94 11.12
C GLN B 474 7.70 -9.91 10.28
N PRO B 475 7.43 -9.80 8.95
CA PRO B 475 6.29 -10.43 8.32
C PRO B 475 6.50 -11.88 7.90
N SER B 476 7.73 -12.38 8.08
CA SER B 476 8.08 -13.78 7.83
C SER B 476 9.20 -14.15 8.80
N GLU B 477 9.33 -15.45 9.10
CA GLU B 477 10.40 -15.91 9.95
C GLU B 477 11.73 -15.72 9.22
N ALA B 478 12.68 -15.05 9.87
CA ALA B 478 14.09 -15.12 9.49
C ALA B 478 14.95 -15.04 10.75
N MET B 479 16.15 -15.64 10.69
CA MET B 479 17.16 -15.47 11.71
C MET B 479 18.52 -15.45 11.05
N TYR B 480 19.33 -14.43 11.35
CA TYR B 480 20.58 -14.21 10.63
C TYR B 480 21.56 -13.42 11.47
N VAL B 481 22.86 -13.62 11.19
CA VAL B 481 23.89 -12.80 11.78
C VAL B 481 24.49 -11.91 10.69
N LYS B 482 24.79 -10.66 11.06
CA LYS B 482 25.51 -9.74 10.19
C LYS B 482 26.93 -9.60 10.73
N ILE B 483 27.89 -10.08 9.93
CA ILE B 483 29.30 -10.05 10.27
C ILE B 483 30.04 -9.40 9.11
N THR B 484 31.29 -8.99 9.35
CA THR B 484 32.04 -8.44 8.24
C THR B 484 33.02 -9.52 7.76
N THR B 485 33.17 -9.58 6.44
CA THR B 485 33.97 -10.60 5.78
C THR B 485 34.78 -9.94 4.68
N LYS B 486 35.79 -10.66 4.21
CA LYS B 486 36.66 -10.16 3.17
C LYS B 486 35.89 -10.18 1.85
N VAL B 487 36.31 -9.34 0.90
CA VAL B 487 35.85 -9.43 -0.48
C VAL B 487 36.98 -10.06 -1.29
N PRO B 488 36.71 -11.04 -2.18
CA PRO B 488 37.76 -11.60 -3.04
C PRO B 488 38.22 -10.57 -4.07
N GLY B 489 39.54 -10.39 -4.18
CA GLY B 489 40.12 -9.41 -5.10
C GLY B 489 41.43 -8.85 -4.58
N ASP B 493 44.26 -4.22 0.87
CA ASP B 493 42.95 -4.82 0.51
C ASP B 493 42.43 -5.76 1.61
N LEU B 494 43.18 -5.94 2.71
CA LEU B 494 42.60 -6.41 3.96
C LEU B 494 41.47 -5.46 4.39
N ARG B 495 41.62 -4.17 4.06
CA ARG B 495 40.66 -3.14 4.44
C ARG B 495 39.43 -3.14 3.54
N GLN B 496 39.46 -3.95 2.49
CA GLN B 496 38.33 -4.09 1.59
C GLN B 496 37.40 -5.15 2.17
N THR B 497 36.29 -4.71 2.77
CA THR B 497 35.40 -5.62 3.46
C THR B 497 33.96 -5.45 2.93
N HIS B 498 33.10 -6.39 3.37
CA HIS B 498 31.72 -6.52 2.97
C HIS B 498 30.92 -6.86 4.23
N GLN B 499 29.71 -6.31 4.38
CA GLN B 499 28.79 -6.80 5.40
C GLN B 499 27.95 -7.92 4.79
N THR B 500 27.94 -9.09 5.42
CA THR B 500 27.16 -10.19 4.88
C THR B 500 26.24 -10.72 5.98
N GLU B 501 25.10 -11.28 5.54
CA GLU B 501 24.12 -11.91 6.40
C GLU B 501 24.24 -13.44 6.30
N LEU B 502 24.53 -14.11 7.41
CA LEU B 502 24.44 -15.56 7.44
C LEU B 502 23.05 -15.96 7.89
N ASP B 503 22.32 -16.62 6.99
CA ASP B 503 21.05 -17.22 7.31
C ASP B 503 21.27 -18.47 8.15
N LEU B 504 20.67 -18.51 9.35
CA LEU B 504 20.65 -19.70 10.19
C LEU B 504 19.31 -20.44 10.06
N THR B 505 18.44 -19.97 9.15
CA THR B 505 17.18 -20.60 8.79
C THR B 505 16.03 -19.75 9.34
N ARG B 513 2.29 -26.05 5.08
CA ARG B 513 1.98 -25.08 6.16
C ARG B 513 2.07 -25.79 7.52
N LEU B 514 3.07 -25.40 8.32
CA LEU B 514 3.10 -25.74 9.74
C LEU B 514 2.03 -24.90 10.43
N PRO B 515 1.74 -25.12 11.74
CA PRO B 515 0.80 -24.27 12.46
C PRO B 515 1.37 -22.85 12.60
N ASP B 516 0.47 -21.85 12.61
CA ASP B 516 0.82 -20.46 12.88
C ASP B 516 1.03 -20.28 14.39
N ALA B 517 1.36 -19.07 14.84
CA ALA B 517 1.79 -18.91 16.22
C ALA B 517 0.63 -19.24 17.17
N TYR B 518 -0.58 -18.83 16.82
CA TYR B 518 -1.72 -19.00 17.73
C TYR B 518 -2.06 -20.48 17.83
N GLU B 519 -2.11 -21.13 16.66
CA GLU B 519 -2.41 -22.55 16.55
C GLU B 519 -1.39 -23.37 17.33
N SER B 520 -0.11 -22.95 17.25
CA SER B 520 0.98 -23.60 17.99
C SER B 520 0.66 -23.62 19.47
N LEU B 521 0.10 -22.54 19.99
CA LEU B 521 -0.13 -22.43 21.43
C LEU B 521 -1.31 -23.29 21.85
N ILE B 522 -2.39 -23.27 21.07
CA ILE B 522 -3.51 -24.15 21.36
C ILE B 522 -3.03 -25.59 21.32
N ASN B 523 -2.23 -25.96 20.32
CA ASN B 523 -1.72 -27.33 20.23
C ASN B 523 -0.88 -27.64 21.47
N ASP B 524 -0.09 -26.66 21.93
CA ASP B 524 0.72 -26.81 23.13
C ASP B 524 -0.13 -27.04 24.38
N ALA B 525 -1.25 -26.32 24.48
CA ALA B 525 -2.15 -26.51 25.62
C ALA B 525 -2.72 -27.92 25.58
N LEU B 526 -3.08 -28.40 24.38
CA LEU B 526 -3.65 -29.73 24.21
C LEU B 526 -2.63 -30.80 24.62
N LEU B 527 -1.33 -30.52 24.43
CA LEU B 527 -0.26 -31.46 24.76
C LEU B 527 0.27 -31.27 26.17
N GLY B 528 -0.19 -30.24 26.90
CA GLY B 528 0.26 -30.04 28.26
C GLY B 528 1.63 -29.34 28.35
N ASN B 529 2.05 -28.65 27.29
CA ASN B 529 3.33 -27.97 27.31
C ASN B 529 3.11 -26.49 27.64
N SER B 530 3.52 -26.06 28.84
CA SER B 530 3.15 -24.72 29.28
C SER B 530 4.31 -23.72 29.11
N THR B 531 5.30 -24.06 28.28
CA THR B 531 6.52 -23.26 28.18
C THR B 531 6.19 -21.81 27.85
N ASN B 532 5.33 -21.60 26.85
CA ASN B 532 5.11 -20.29 26.29
C ASN B 532 3.88 -19.61 26.92
N PHE B 533 3.54 -19.97 28.16
CA PHE B 533 2.41 -19.41 28.85
C PHE B 533 2.92 -18.75 30.12
N VAL B 534 2.49 -17.52 30.39
CA VAL B 534 3.00 -16.79 31.53
C VAL B 534 2.44 -17.42 32.80
N ARG B 535 3.34 -17.79 33.72
CA ARG B 535 2.98 -18.40 35.00
C ARG B 535 2.57 -17.32 35.97
N LYS B 536 1.86 -17.69 37.05
CA LYS B 536 1.27 -16.72 37.94
C LYS B 536 2.34 -15.82 38.58
N ASP B 537 3.45 -16.41 39.05
CA ASP B 537 4.50 -15.68 39.73
C ASP B 537 5.20 -14.75 38.73
N GLU B 538 5.51 -15.30 37.56
CA GLU B 538 6.05 -14.53 36.44
C GLU B 538 5.21 -13.30 36.15
N LEU B 539 3.89 -13.49 36.13
CA LEU B 539 2.98 -12.40 35.83
C LEU B 539 3.14 -11.26 36.84
N ASP B 540 3.10 -11.60 38.14
CA ASP B 540 3.26 -10.63 39.21
C ASP B 540 4.50 -9.74 39.04
N VAL B 541 5.63 -10.39 38.74
CA VAL B 541 6.91 -9.72 38.57
C VAL B 541 6.80 -8.82 37.34
N ALA B 542 6.25 -9.36 36.26
CA ALA B 542 6.08 -8.56 35.05
C ALA B 542 5.31 -7.28 35.39
N TRP B 543 4.25 -7.41 36.21
CA TRP B 543 3.47 -6.23 36.56
C TRP B 543 4.26 -5.26 37.44
N ARG B 544 5.18 -5.78 38.27
CA ARG B 544 5.93 -4.92 39.19
C ARG B 544 6.98 -4.12 38.41
N ILE B 545 7.31 -4.55 37.19
CA ILE B 545 8.22 -3.77 36.36
C ILE B 545 7.54 -2.54 35.77
N PHE B 546 6.26 -2.65 35.41
CA PHE B 546 5.63 -1.64 34.56
C PHE B 546 4.68 -0.71 35.34
N THR B 547 4.25 -1.14 36.53
CA THR B 547 3.15 -0.47 37.20
C THR B 547 3.54 0.95 37.62
N PRO B 548 4.68 1.21 38.29
CA PRO B 548 5.10 2.60 38.52
C PRO B 548 5.00 3.46 37.26
N LEU B 549 5.54 2.98 36.13
CA LEU B 549 5.53 3.79 34.92
C LEU B 549 4.09 4.11 34.50
N LEU B 550 3.21 3.09 34.56
CA LEU B 550 1.84 3.23 34.11
C LEU B 550 1.14 4.27 34.96
N HIS B 551 1.45 4.25 36.27
CA HIS B 551 0.92 5.21 37.23
C HIS B 551 1.35 6.63 36.85
N GLN B 552 2.63 6.80 36.51
CA GLN B 552 3.15 8.10 36.12
C GLN B 552 2.45 8.55 34.84
N ILE B 553 2.19 7.61 33.93
CA ILE B 553 1.55 7.99 32.69
C ILE B 553 0.13 8.47 32.96
N ASP B 554 -0.58 7.74 33.84
CA ASP B 554 -1.98 8.02 34.14
C ASP B 554 -2.11 9.31 34.95
N SER B 555 -1.02 9.74 35.61
CA SER B 555 -0.97 10.99 36.35
C SER B 555 -0.57 12.16 35.44
N GLY B 556 -0.16 11.86 34.20
CA GLY B 556 0.09 12.89 33.21
C GLY B 556 1.53 13.39 33.20
N GLU B 557 2.46 12.58 33.75
CA GLU B 557 3.86 12.97 33.94
C GLU B 557 4.69 12.84 32.66
N ILE B 558 4.33 11.90 31.77
CA ILE B 558 4.80 11.89 30.39
C ILE B 558 3.59 12.18 29.51
N LYS B 559 3.81 12.75 28.32
CA LYS B 559 2.75 13.01 27.36
C LYS B 559 3.17 12.49 25.98
N PRO B 560 2.23 11.90 25.21
CA PRO B 560 2.58 11.29 23.92
C PRO B 560 2.85 12.33 22.84
N ILE B 561 3.87 12.08 22.03
CA ILE B 561 4.19 12.96 20.91
C ILE B 561 3.33 12.53 19.73
N PRO B 562 2.62 13.46 19.06
CA PRO B 562 1.86 13.11 17.88
C PRO B 562 2.80 12.60 16.79
N TYR B 563 2.38 11.56 16.07
CA TYR B 563 3.06 11.13 14.88
C TYR B 563 2.02 10.79 13.81
N GLN B 564 2.36 11.04 12.55
CA GLN B 564 1.46 10.68 11.47
C GLN B 564 1.41 9.16 11.26
N ALA B 565 0.19 8.65 11.06
CA ALA B 565 0.02 7.22 10.84
C ALA B 565 0.79 6.84 9.58
N GLY B 566 1.59 5.76 9.68
CA GLY B 566 2.35 5.25 8.55
C GLY B 566 3.81 5.73 8.46
N THR B 567 4.19 6.71 9.30
CA THR B 567 5.59 7.02 9.54
C THR B 567 6.17 6.05 10.58
N ARG B 568 7.44 6.27 10.93
CA ARG B 568 8.12 5.48 11.95
C ARG B 568 7.60 5.73 13.37
N GLY B 569 6.88 6.83 13.58
CA GLY B 569 6.66 7.28 14.95
C GLY B 569 7.44 8.56 15.21
N PRO B 570 7.44 9.05 16.46
CA PRO B 570 8.03 10.34 16.78
C PRO B 570 9.55 10.34 16.67
N LYS B 571 10.12 11.43 16.16
CA LYS B 571 11.57 11.49 15.93
C LYS B 571 12.31 11.28 17.24
N GLU B 572 11.75 11.78 18.35
CA GLU B 572 12.34 11.60 19.66
C GLU B 572 12.57 10.13 20.03
N ALA B 573 11.78 9.20 19.47
CA ALA B 573 11.91 7.78 19.81
C ALA B 573 13.18 7.18 19.21
N ASP B 574 13.50 7.59 17.97
CA ASP B 574 14.69 7.12 17.26
C ASP B 574 15.95 7.68 17.93
N GLU B 575 15.88 8.93 18.34
CA GLU B 575 16.94 9.57 19.10
C GLU B 575 17.13 8.91 20.45
N PHE B 576 16.03 8.58 21.14
CA PHE B 576 16.16 7.79 22.35
C PHE B 576 16.88 6.47 22.10
N ILE B 577 16.59 5.77 21.00
CA ILE B 577 17.22 4.49 20.76
C ILE B 577 18.71 4.75 20.56
N ALA B 578 19.07 5.75 19.73
CA ALA B 578 20.47 6.08 19.46
C ALA B 578 21.17 6.59 20.73
N ASN B 579 20.42 7.18 21.67
CA ASN B 579 21.02 7.66 22.90
C ASN B 579 21.26 6.53 23.89
N ASN B 580 20.64 5.36 23.69
CA ASN B 580 20.78 4.27 24.65
C ASN B 580 21.50 3.08 24.01
N GLY B 581 22.61 3.36 23.34
CA GLY B 581 23.58 2.34 22.98
C GLY B 581 23.43 1.74 21.59
N PHE B 582 22.49 2.21 20.76
CA PHE B 582 22.33 1.65 19.42
C PHE B 582 23.05 2.50 18.38
N LYS B 583 23.68 1.88 17.36
CA LYS B 583 24.33 2.60 16.29
C LYS B 583 23.80 2.17 14.93
N HIS B 584 23.33 3.13 14.12
CA HIS B 584 22.78 2.83 12.80
C HIS B 584 23.88 2.24 11.90
N GLN B 585 23.49 1.31 11.02
CA GLN B 585 24.40 0.67 10.07
C GLN B 585 25.03 1.72 9.15
#